data_2EE1
#
_entry.id   2EE1
#
_entity_poly.entity_id   1
_entity_poly.type   'polypeptide(L)'
_entity_poly.pdbx_seq_one_letter_code
;GSSGSSGKPEWMMIHRILNHSVDKKGHVHYLIKWRDLPYDQASWESEDVEIQDYDLFKQSYWNH
;
_entity_poly.pdbx_strand_id   A
#
# COMPACT_ATOMS: atom_id res chain seq x y z
N GLY A 1 19.88 3.48 -0.68
CA GLY A 1 18.56 3.13 -0.20
C GLY A 1 17.45 3.67 -1.09
N SER A 2 16.85 4.79 -0.67
CA SER A 2 15.78 5.40 -1.43
C SER A 2 15.93 6.92 -1.47
N SER A 3 15.95 7.47 -2.68
CA SER A 3 16.10 8.92 -2.85
C SER A 3 14.79 9.54 -3.33
N GLY A 4 14.75 10.87 -3.35
CA GLY A 4 13.56 11.57 -3.79
C GLY A 4 13.06 12.57 -2.77
N SER A 5 12.81 13.79 -3.22
CA SER A 5 12.33 14.84 -2.32
C SER A 5 10.85 14.64 -1.99
N SER A 6 10.02 14.57 -3.03
CA SER A 6 8.58 14.39 -2.86
C SER A 6 8.22 12.92 -2.94
N GLY A 7 7.95 12.30 -1.80
CA GLY A 7 7.58 10.90 -1.76
C GLY A 7 6.67 10.56 -0.59
N LYS A 8 7.24 9.96 0.44
CA LYS A 8 6.47 9.57 1.61
C LYS A 8 7.31 9.73 2.88
N PRO A 9 6.62 9.95 4.02
CA PRO A 9 7.29 10.12 5.32
C PRO A 9 7.92 8.84 5.82
N GLU A 10 8.35 8.85 7.08
CA GLU A 10 8.99 7.67 7.69
C GLU A 10 8.02 6.97 8.63
N TRP A 11 7.17 7.75 9.29
CA TRP A 11 6.20 7.20 10.23
C TRP A 11 5.22 6.28 9.51
N MET A 12 4.99 6.54 8.23
CA MET A 12 4.07 5.74 7.44
C MET A 12 4.63 4.34 7.21
N MET A 13 4.00 3.36 7.84
CA MET A 13 4.43 1.96 7.71
C MET A 13 3.30 1.09 7.15
N ILE A 14 3.66 -0.11 6.72
CA ILE A 14 2.68 -1.03 6.16
C ILE A 14 2.61 -2.32 6.98
N HIS A 15 1.71 -2.33 7.96
CA HIS A 15 1.54 -3.50 8.82
C HIS A 15 1.51 -4.78 8.00
N ARG A 16 0.52 -4.89 7.12
CA ARG A 16 0.38 -6.07 6.27
C ARG A 16 -0.76 -5.88 5.28
N ILE A 17 -0.56 -6.37 4.05
CA ILE A 17 -1.57 -6.27 3.01
C ILE A 17 -2.84 -7.03 3.39
N LEU A 18 -3.87 -6.29 3.80
CA LEU A 18 -5.13 -6.89 4.18
C LEU A 18 -5.76 -7.66 3.01
N ASN A 19 -5.82 -7.01 1.85
CA ASN A 19 -6.39 -7.61 0.66
C ASN A 19 -6.05 -6.80 -0.59
N HIS A 20 -6.53 -7.26 -1.74
CA HIS A 20 -6.29 -6.57 -3.00
C HIS A 20 -7.57 -6.48 -3.83
N SER A 21 -7.65 -5.46 -4.67
CA SER A 21 -8.81 -5.26 -5.52
C SER A 21 -8.44 -4.49 -6.79
N VAL A 22 -9.04 -4.87 -7.91
CA VAL A 22 -8.78 -4.22 -9.18
C VAL A 22 -9.96 -3.37 -9.62
N ASP A 23 -9.77 -2.05 -9.62
CA ASP A 23 -10.82 -1.12 -10.02
C ASP A 23 -11.29 -1.40 -11.44
N LYS A 24 -12.44 -0.87 -11.81
CA LYS A 24 -13.00 -1.05 -13.14
C LYS A 24 -12.01 -0.62 -14.21
N LYS A 25 -11.13 0.32 -13.85
CA LYS A 25 -10.13 0.83 -14.77
C LYS A 25 -9.08 -0.24 -15.08
N GLY A 26 -8.69 -0.99 -14.05
CA GLY A 26 -7.70 -2.04 -14.21
C GLY A 26 -6.58 -1.94 -13.20
N HIS A 27 -6.28 -0.73 -12.77
CA HIS A 27 -5.21 -0.50 -11.80
C HIS A 27 -5.44 -1.36 -10.55
N VAL A 28 -4.43 -2.16 -10.20
CA VAL A 28 -4.51 -3.03 -9.04
C VAL A 28 -4.27 -2.25 -7.75
N HIS A 29 -5.17 -2.41 -6.79
CA HIS A 29 -5.04 -1.71 -5.51
C HIS A 29 -4.81 -2.70 -4.38
N TYR A 30 -4.07 -2.28 -3.36
CA TYR A 30 -3.77 -3.14 -2.22
C TYR A 30 -4.20 -2.48 -0.91
N LEU A 31 -5.15 -3.12 -0.22
CA LEU A 31 -5.65 -2.59 1.05
C LEU A 31 -4.55 -2.55 2.10
N ILE A 32 -3.84 -1.43 2.16
CA ILE A 32 -2.76 -1.26 3.12
C ILE A 32 -3.31 -0.91 4.50
N LYS A 33 -2.72 -1.50 5.54
CA LYS A 33 -3.15 -1.25 6.91
C LYS A 33 -2.07 -0.49 7.69
N TRP A 34 -2.19 0.83 7.69
CA TRP A 34 -1.22 1.67 8.40
C TRP A 34 -1.03 1.19 9.83
N ARG A 35 0.11 0.54 10.08
CA ARG A 35 0.42 0.02 11.40
C ARG A 35 -0.12 0.94 12.48
N ASP A 36 0.21 2.24 12.38
CA ASP A 36 -0.25 3.22 13.34
C ASP A 36 -1.78 3.18 13.49
N LEU A 37 -2.46 3.23 12.35
CA LEU A 37 -3.92 3.20 12.35
C LEU A 37 -4.45 1.77 12.47
N PRO A 38 -5.65 1.62 13.05
CA PRO A 38 -6.28 0.31 13.24
C PRO A 38 -6.73 -0.30 11.92
N TYR A 39 -7.44 -1.42 12.01
CA TYR A 39 -7.94 -2.10 10.81
C TYR A 39 -9.18 -1.41 10.26
N ASP A 40 -9.94 -0.79 11.15
CA ASP A 40 -11.17 -0.08 10.76
C ASP A 40 -10.83 1.24 10.06
N GLN A 41 -9.60 1.71 10.28
CA GLN A 41 -9.16 2.96 9.67
C GLN A 41 -8.39 2.70 8.37
N ALA A 42 -7.96 1.46 8.18
CA ALA A 42 -7.23 1.08 6.99
C ALA A 42 -7.80 1.77 5.75
N SER A 43 -6.95 1.95 4.74
CA SER A 43 -7.37 2.60 3.50
C SER A 43 -6.87 1.82 2.28
N TRP A 44 -7.46 2.10 1.13
CA TRP A 44 -7.07 1.44 -0.11
C TRP A 44 -6.02 2.25 -0.85
N GLU A 45 -4.88 1.63 -1.13
CA GLU A 45 -3.79 2.30 -1.83
C GLU A 45 -3.44 1.55 -3.12
N SER A 46 -3.52 2.27 -4.24
CA SER A 46 -3.22 1.68 -5.54
C SER A 46 -1.85 1.01 -5.53
N GLU A 47 -1.56 0.24 -6.58
CA GLU A 47 -0.29 -0.46 -6.69
C GLU A 47 0.80 0.49 -7.20
N ASP A 48 0.49 1.77 -7.25
CA ASP A 48 1.45 2.78 -7.71
C ASP A 48 2.05 3.53 -6.54
N VAL A 49 1.30 3.64 -5.44
CA VAL A 49 1.76 4.33 -4.25
C VAL A 49 3.16 3.86 -3.86
N GLU A 50 4.03 4.82 -3.54
CA GLU A 50 5.40 4.50 -3.14
C GLU A 50 5.53 4.51 -1.62
N ILE A 51 5.65 3.32 -1.04
CA ILE A 51 5.80 3.19 0.40
C ILE A 51 7.00 2.33 0.76
N GLN A 52 7.47 2.46 1.99
CA GLN A 52 8.62 1.68 2.46
C GLN A 52 8.42 0.19 2.18
N ASP A 53 9.39 -0.41 1.51
CA ASP A 53 9.34 -1.83 1.18
C ASP A 53 7.94 -2.21 0.70
N TYR A 54 7.33 -1.34 -0.10
CA TYR A 54 6.00 -1.59 -0.62
C TYR A 54 6.00 -2.74 -1.61
N ASP A 55 7.03 -2.78 -2.46
CA ASP A 55 7.16 -3.83 -3.46
C ASP A 55 7.30 -5.20 -2.80
N LEU A 56 8.00 -5.23 -1.66
CA LEU A 56 8.21 -6.47 -0.93
C LEU A 56 6.89 -7.04 -0.42
N PHE A 57 6.16 -6.22 0.33
CA PHE A 57 4.87 -6.64 0.88
C PHE A 57 3.99 -7.22 -0.21
N LYS A 58 3.82 -6.48 -1.29
CA LYS A 58 2.99 -6.91 -2.41
C LYS A 58 3.47 -8.24 -2.95
N GLN A 59 4.78 -8.38 -3.11
CA GLN A 59 5.38 -9.61 -3.62
C GLN A 59 5.12 -10.77 -2.66
N SER A 60 5.18 -10.49 -1.37
CA SER A 60 4.97 -11.52 -0.36
C SER A 60 3.51 -11.98 -0.36
N TYR A 61 2.61 -11.10 0.07
CA TYR A 61 1.19 -11.42 0.12
C TYR A 61 0.79 -12.31 -1.05
N TRP A 62 1.26 -11.96 -2.24
CA TRP A 62 0.96 -12.73 -3.44
C TRP A 62 1.46 -14.16 -3.32
N ASN A 63 2.78 -14.31 -3.27
CA ASN A 63 3.40 -15.62 -3.16
C ASN A 63 2.70 -16.46 -2.10
N HIS A 64 2.47 -15.86 -0.94
CA HIS A 64 1.80 -16.56 0.16
C HIS A 64 0.32 -16.19 0.21
N GLY A 1 17.31 4.95 -2.71
CA GLY A 1 16.52 4.99 -1.50
C GLY A 1 15.16 5.62 -1.71
N SER A 2 14.54 6.07 -0.63
CA SER A 2 13.22 6.69 -0.72
C SER A 2 13.19 8.02 0.02
N SER A 3 13.45 9.10 -0.71
CA SER A 3 13.46 10.44 -0.13
C SER A 3 13.18 11.50 -1.20
N GLY A 4 12.86 12.70 -0.75
CA GLY A 4 12.56 13.77 -1.67
C GLY A 4 11.34 14.58 -1.26
N SER A 5 11.46 15.91 -1.31
CA SER A 5 10.36 16.79 -0.93
C SER A 5 9.03 16.26 -1.45
N SER A 6 9.00 15.93 -2.74
CA SER A 6 7.80 15.42 -3.38
C SER A 6 7.77 13.89 -3.34
N GLY A 7 7.21 13.34 -2.26
CA GLY A 7 7.13 11.91 -2.11
C GLY A 7 6.42 11.49 -0.84
N LYS A 8 6.13 10.20 -0.72
CA LYS A 8 5.45 9.67 0.45
C LYS A 8 6.35 9.77 1.69
N PRO A 9 5.72 9.88 2.87
CA PRO A 9 6.44 9.99 4.14
C PRO A 9 7.14 8.69 4.52
N GLU A 10 8.12 8.78 5.42
CA GLU A 10 8.86 7.61 5.86
C GLU A 10 8.22 7.00 7.11
N TRP A 11 7.83 7.85 8.05
CA TRP A 11 7.20 7.39 9.28
C TRP A 11 6.07 6.42 8.99
N MET A 12 5.43 6.59 7.83
CA MET A 12 4.33 5.72 7.44
C MET A 12 4.83 4.30 7.18
N MET A 13 4.17 3.32 7.80
CA MET A 13 4.54 1.93 7.64
C MET A 13 3.37 1.11 7.13
N ILE A 14 3.65 -0.11 6.68
CA ILE A 14 2.62 -0.99 6.15
C ILE A 14 2.52 -2.27 6.98
N HIS A 15 1.56 -2.30 7.89
CA HIS A 15 1.35 -3.47 8.75
C HIS A 15 1.32 -4.75 7.92
N ARG A 16 0.31 -4.87 7.07
CA ARG A 16 0.17 -6.06 6.22
C ARG A 16 -0.94 -5.85 5.19
N ILE A 17 -0.75 -6.43 4.00
CA ILE A 17 -1.73 -6.32 2.93
C ILE A 17 -3.04 -7.00 3.31
N LEU A 18 -3.97 -6.23 3.86
CA LEU A 18 -5.26 -6.77 4.26
C LEU A 18 -5.92 -7.53 3.10
N ASN A 19 -5.99 -6.89 1.95
CA ASN A 19 -6.59 -7.50 0.77
C ASN A 19 -6.19 -6.76 -0.50
N HIS A 20 -6.72 -7.20 -1.63
CA HIS A 20 -6.41 -6.58 -2.92
C HIS A 20 -7.66 -6.46 -3.78
N SER A 21 -7.73 -5.40 -4.57
CA SER A 21 -8.88 -5.16 -5.44
C SER A 21 -8.48 -4.36 -6.67
N VAL A 22 -8.78 -4.91 -7.85
CA VAL A 22 -8.44 -4.24 -9.11
C VAL A 22 -9.69 -3.68 -9.77
N ASP A 23 -9.76 -2.36 -9.89
CA ASP A 23 -10.91 -1.70 -10.51
C ASP A 23 -11.04 -2.12 -11.96
N LYS A 24 -12.23 -1.92 -12.52
CA LYS A 24 -12.50 -2.27 -13.92
C LYS A 24 -11.41 -1.73 -14.83
N LYS A 25 -10.78 -0.63 -14.42
CA LYS A 25 -9.73 0.00 -15.20
C LYS A 25 -8.55 -0.96 -15.38
N GLY A 26 -8.19 -1.65 -14.30
CA GLY A 26 -7.08 -2.59 -14.36
C GLY A 26 -6.04 -2.32 -13.29
N HIS A 27 -5.99 -1.07 -12.81
CA HIS A 27 -5.03 -0.69 -11.78
C HIS A 27 -5.28 -1.48 -10.49
N VAL A 28 -4.42 -2.47 -10.23
CA VAL A 28 -4.54 -3.29 -9.04
C VAL A 28 -4.28 -2.47 -7.78
N HIS A 29 -5.20 -2.55 -6.82
CA HIS A 29 -5.06 -1.82 -5.57
C HIS A 29 -4.83 -2.77 -4.40
N TYR A 30 -4.12 -2.31 -3.38
CA TYR A 30 -3.83 -3.12 -2.21
C TYR A 30 -4.27 -2.42 -0.93
N LEU A 31 -5.21 -3.01 -0.21
CA LEU A 31 -5.71 -2.44 1.03
C LEU A 31 -4.61 -2.39 2.08
N ILE A 32 -3.84 -1.31 2.06
CA ILE A 32 -2.74 -1.13 3.02
C ILE A 32 -3.29 -0.77 4.40
N LYS A 33 -2.72 -1.41 5.42
CA LYS A 33 -3.15 -1.16 6.80
C LYS A 33 -2.06 -0.44 7.58
N TRP A 34 -2.15 0.89 7.65
CA TRP A 34 -1.18 1.69 8.37
C TRP A 34 -1.01 1.19 9.80
N ARG A 35 0.13 0.53 10.06
CA ARG A 35 0.40 0.01 11.40
C ARG A 35 -0.16 0.92 12.48
N ASP A 36 0.22 2.20 12.44
CA ASP A 36 -0.26 3.17 13.41
C ASP A 36 -1.78 3.14 13.52
N LEU A 37 -2.45 3.21 12.38
CA LEU A 37 -3.90 3.19 12.34
C LEU A 37 -4.43 1.76 12.46
N PRO A 38 -5.61 1.62 13.09
CA PRO A 38 -6.25 0.31 13.28
C PRO A 38 -6.75 -0.29 11.97
N TYR A 39 -7.63 -1.28 12.08
CA TYR A 39 -8.19 -1.93 10.90
C TYR A 39 -9.30 -1.09 10.28
N ASP A 40 -10.32 -0.79 11.09
CA ASP A 40 -11.44 0.02 10.64
C ASP A 40 -10.96 1.35 10.06
N GLN A 41 -9.73 1.71 10.39
CA GLN A 41 -9.15 2.96 9.91
C GLN A 41 -8.35 2.75 8.62
N ALA A 42 -7.92 1.51 8.41
CA ALA A 42 -7.14 1.17 7.23
C ALA A 42 -7.67 1.90 5.99
N SER A 43 -6.84 1.99 4.97
CA SER A 43 -7.23 2.66 3.73
C SER A 43 -6.67 1.94 2.51
N TRP A 44 -7.34 2.07 1.38
CA TRP A 44 -6.91 1.43 0.15
C TRP A 44 -5.82 2.26 -0.55
N GLU A 45 -4.94 1.58 -1.28
CA GLU A 45 -3.86 2.25 -1.99
C GLU A 45 -3.49 1.49 -3.26
N SER A 46 -3.52 2.18 -4.39
CA SER A 46 -3.19 1.57 -5.67
C SER A 46 -1.84 0.86 -5.61
N GLU A 47 -1.51 0.12 -6.66
CA GLU A 47 -0.24 -0.60 -6.73
C GLU A 47 0.88 0.31 -7.22
N ASP A 48 0.56 1.59 -7.39
CA ASP A 48 1.53 2.56 -7.86
C ASP A 48 2.12 3.36 -6.69
N VAL A 49 1.35 3.47 -5.62
CA VAL A 49 1.79 4.20 -4.43
C VAL A 49 3.21 3.81 -4.05
N GLU A 50 3.99 4.80 -3.64
CA GLU A 50 5.38 4.56 -3.24
C GLU A 50 5.52 4.57 -1.72
N ILE A 51 5.68 3.39 -1.14
CA ILE A 51 5.82 3.27 0.31
C ILE A 51 7.02 2.40 0.68
N GLN A 52 7.54 2.59 1.89
CA GLN A 52 8.69 1.83 2.35
C GLN A 52 8.45 0.34 2.23
N ASP A 53 9.41 -0.38 1.65
CA ASP A 53 9.29 -1.82 1.47
C ASP A 53 7.91 -2.19 0.96
N TYR A 54 7.36 -1.35 0.09
CA TYR A 54 6.03 -1.59 -0.48
C TYR A 54 6.06 -2.78 -1.42
N ASP A 55 6.98 -2.76 -2.38
CA ASP A 55 7.11 -3.85 -3.34
C ASP A 55 7.26 -5.19 -2.64
N LEU A 56 8.01 -5.20 -1.54
CA LEU A 56 8.22 -6.42 -0.77
C LEU A 56 6.89 -7.02 -0.32
N PHE A 57 6.06 -6.20 0.31
CA PHE A 57 4.76 -6.65 0.78
C PHE A 57 3.94 -7.26 -0.34
N LYS A 58 3.67 -6.47 -1.38
CA LYS A 58 2.91 -6.93 -2.53
C LYS A 58 3.47 -8.25 -3.06
N GLN A 59 4.79 -8.31 -3.19
CA GLN A 59 5.45 -9.51 -3.69
C GLN A 59 5.21 -10.69 -2.76
N SER A 60 5.25 -10.45 -1.46
CA SER A 60 5.03 -11.50 -0.47
C SER A 60 3.59 -11.98 -0.50
N TYR A 61 2.68 -11.11 -0.07
CA TYR A 61 1.25 -11.44 -0.05
C TYR A 61 0.87 -12.30 -1.25
N TRP A 62 1.44 -11.98 -2.40
CA TRP A 62 1.16 -12.72 -3.63
C TRP A 62 1.63 -14.17 -3.51
N ASN A 63 2.92 -14.36 -3.25
CA ASN A 63 3.49 -15.69 -3.10
C ASN A 63 2.60 -16.57 -2.22
N HIS A 64 2.36 -16.11 -1.00
CA HIS A 64 1.53 -16.85 -0.05
C HIS A 64 0.27 -17.36 -0.74
N GLY A 1 17.31 6.22 -4.22
CA GLY A 1 15.95 5.81 -3.96
C GLY A 1 14.93 6.84 -4.40
N SER A 2 13.89 7.03 -3.60
CA SER A 2 12.84 8.00 -3.91
C SER A 2 12.96 9.24 -3.03
N SER A 3 13.74 10.21 -3.49
CA SER A 3 13.94 11.45 -2.74
C SER A 3 13.60 12.67 -3.59
N GLY A 4 12.36 13.13 -3.49
CA GLY A 4 11.92 14.27 -4.25
C GLY A 4 11.22 15.32 -3.40
N SER A 5 10.68 16.34 -4.05
CA SER A 5 9.99 17.41 -3.35
C SER A 5 8.78 16.86 -2.59
N SER A 6 7.89 16.19 -3.31
CA SER A 6 6.70 15.61 -2.71
C SER A 6 6.59 14.12 -3.02
N GLY A 7 5.67 13.45 -2.34
CA GLY A 7 5.49 12.02 -2.56
C GLY A 7 4.80 11.34 -1.39
N LYS A 8 5.58 10.69 -0.55
CA LYS A 8 5.04 9.98 0.61
C LYS A 8 5.96 10.13 1.81
N PRO A 9 5.37 10.19 3.02
CA PRO A 9 6.12 10.32 4.27
C PRO A 9 6.91 9.06 4.61
N GLU A 10 7.81 9.18 5.58
CA GLU A 10 8.62 8.05 6.00
C GLU A 10 8.01 7.35 7.21
N TRP A 11 7.51 8.15 8.15
CA TRP A 11 6.91 7.62 9.37
C TRP A 11 5.83 6.59 9.03
N MET A 12 5.19 6.76 7.88
CA MET A 12 4.15 5.84 7.44
C MET A 12 4.72 4.46 7.17
N MET A 13 4.07 3.43 7.72
CA MET A 13 4.52 2.06 7.54
C MET A 13 3.38 1.18 7.04
N ILE A 14 3.71 -0.04 6.64
CA ILE A 14 2.71 -0.98 6.13
C ILE A 14 2.62 -2.22 7.01
N HIS A 15 1.66 -2.21 7.93
CA HIS A 15 1.46 -3.34 8.84
C HIS A 15 1.41 -4.65 8.07
N ARG A 16 0.45 -4.77 7.17
CA ARG A 16 0.29 -5.97 6.37
C ARG A 16 -0.80 -5.79 5.31
N ILE A 17 -0.57 -6.36 4.14
CA ILE A 17 -1.54 -6.27 3.04
C ILE A 17 -2.84 -6.98 3.39
N LEU A 18 -3.86 -6.20 3.72
CA LEU A 18 -5.16 -6.75 4.08
C LEU A 18 -5.76 -7.54 2.91
N ASN A 19 -5.82 -6.89 1.75
CA ASN A 19 -6.36 -7.53 0.56
C ASN A 19 -6.01 -6.75 -0.70
N HIS A 20 -6.43 -7.25 -1.86
CA HIS A 20 -6.15 -6.59 -3.12
C HIS A 20 -7.41 -6.52 -3.98
N SER A 21 -7.57 -5.39 -4.68
CA SER A 21 -8.74 -5.19 -5.53
C SER A 21 -8.38 -4.34 -6.74
N VAL A 22 -8.73 -4.82 -7.92
CA VAL A 22 -8.45 -4.10 -9.16
C VAL A 22 -9.74 -3.56 -9.78
N ASP A 23 -9.84 -2.23 -9.87
CA ASP A 23 -11.01 -1.59 -10.45
C ASP A 23 -11.15 -1.94 -11.93
N LYS A 24 -12.33 -1.68 -12.48
CA LYS A 24 -12.60 -1.97 -13.87
C LYS A 24 -11.46 -1.48 -14.76
N LYS A 25 -11.02 -0.25 -14.52
CA LYS A 25 -9.94 0.34 -15.30
C LYS A 25 -8.82 -0.67 -15.53
N GLY A 26 -8.41 -1.35 -14.46
CA GLY A 26 -7.36 -2.35 -14.57
C GLY A 26 -6.25 -2.11 -13.58
N HIS A 27 -6.35 -1.04 -12.80
CA HIS A 27 -5.34 -0.71 -11.80
C HIS A 27 -5.54 -1.52 -10.53
N VAL A 28 -4.58 -2.38 -10.23
CA VAL A 28 -4.65 -3.22 -9.03
C VAL A 28 -4.37 -2.42 -7.77
N HIS A 29 -5.25 -2.54 -6.78
CA HIS A 29 -5.09 -1.82 -5.53
C HIS A 29 -4.84 -2.80 -4.38
N TYR A 30 -4.15 -2.31 -3.34
CA TYR A 30 -3.84 -3.14 -2.18
C TYR A 30 -4.26 -2.45 -0.89
N LEU A 31 -5.20 -3.06 -0.18
CA LEU A 31 -5.69 -2.50 1.07
C LEU A 31 -4.58 -2.45 2.12
N ILE A 32 -3.86 -1.33 2.14
CA ILE A 32 -2.77 -1.15 3.09
C ILE A 32 -3.30 -0.75 4.47
N LYS A 33 -2.82 -1.43 5.50
CA LYS A 33 -3.24 -1.16 6.87
C LYS A 33 -2.14 -0.41 7.64
N TRP A 34 -2.24 0.92 7.66
CA TRP A 34 -1.26 1.75 8.35
C TRP A 34 -1.08 1.27 9.79
N ARG A 35 0.07 0.66 10.07
CA ARG A 35 0.37 0.17 11.41
C ARG A 35 -0.22 1.08 12.47
N ASP A 36 0.15 2.36 12.41
CA ASP A 36 -0.33 3.35 13.36
C ASP A 36 -1.85 3.27 13.50
N LEU A 37 -2.54 3.31 12.37
CA LEU A 37 -4.00 3.25 12.36
C LEU A 37 -4.49 1.81 12.50
N PRO A 38 -5.69 1.64 13.08
CA PRO A 38 -6.29 0.32 13.29
C PRO A 38 -6.72 -0.32 11.98
N TYR A 39 -7.46 -1.43 12.08
CA TYR A 39 -7.94 -2.14 10.90
C TYR A 39 -9.21 -1.49 10.36
N ASP A 40 -9.99 -0.89 11.25
CA ASP A 40 -11.23 -0.24 10.86
C ASP A 40 -10.95 1.10 10.19
N GLN A 41 -9.72 1.59 10.35
CA GLN A 41 -9.33 2.87 9.76
C GLN A 41 -8.52 2.65 8.49
N ALA A 42 -8.05 1.43 8.29
CA ALA A 42 -7.27 1.10 7.10
C ALA A 42 -7.80 1.81 5.87
N SER A 43 -6.94 1.99 4.87
CA SER A 43 -7.33 2.67 3.64
C SER A 43 -6.75 1.94 2.42
N TRP A 44 -7.51 1.97 1.33
CA TRP A 44 -7.08 1.31 0.09
C TRP A 44 -6.06 2.17 -0.65
N GLU A 45 -4.98 1.52 -1.11
CA GLU A 45 -3.93 2.22 -1.83
C GLU A 45 -3.56 1.48 -3.12
N SER A 46 -3.66 2.17 -4.24
CA SER A 46 -3.34 1.58 -5.53
C SER A 46 -1.96 0.91 -5.51
N GLU A 47 -1.64 0.19 -6.58
CA GLU A 47 -0.35 -0.49 -6.67
C GLU A 47 0.72 0.46 -7.22
N ASP A 48 0.42 1.75 -7.20
CA ASP A 48 1.37 2.75 -7.69
C ASP A 48 2.00 3.51 -6.53
N VAL A 49 1.23 3.71 -5.47
CA VAL A 49 1.72 4.43 -4.29
C VAL A 49 3.14 4.01 -3.95
N GLU A 50 3.92 4.95 -3.43
CA GLU A 50 5.30 4.68 -3.06
C GLU A 50 5.46 4.65 -1.53
N ILE A 51 5.57 3.45 -0.99
CA ILE A 51 5.72 3.28 0.45
C ILE A 51 6.94 2.41 0.78
N GLN A 52 7.38 2.47 2.03
CA GLN A 52 8.53 1.68 2.48
C GLN A 52 8.28 0.20 2.28
N ASP A 53 9.25 -0.49 1.69
CA ASP A 53 9.13 -1.92 1.45
C ASP A 53 7.76 -2.28 0.90
N TYR A 54 7.23 -1.41 0.05
CA TYR A 54 5.91 -1.63 -0.54
C TYR A 54 5.96 -2.74 -1.59
N ASP A 55 7.03 -2.76 -2.36
CA ASP A 55 7.20 -3.77 -3.41
C ASP A 55 7.41 -5.15 -2.79
N LEU A 56 8.08 -5.18 -1.65
CA LEU A 56 8.35 -6.44 -0.95
C LEU A 56 7.06 -7.07 -0.44
N PHE A 57 6.26 -6.26 0.26
CA PHE A 57 4.99 -6.73 0.80
C PHE A 57 4.09 -7.29 -0.30
N LYS A 58 3.88 -6.49 -1.34
CA LYS A 58 3.04 -6.90 -2.46
C LYS A 58 3.51 -8.23 -3.02
N GLN A 59 4.82 -8.39 -3.14
CA GLN A 59 5.40 -9.62 -3.68
C GLN A 59 5.16 -10.79 -2.72
N SER A 60 5.18 -10.51 -1.42
CA SER A 60 4.96 -11.53 -0.42
C SER A 60 3.50 -11.96 -0.39
N TYR A 61 2.63 -11.07 0.06
CA TYR A 61 1.20 -11.35 0.15
C TYR A 61 0.76 -12.24 -1.01
N TRP A 62 1.22 -11.91 -2.21
CA TRP A 62 0.86 -12.67 -3.40
C TRP A 62 1.33 -14.12 -3.28
N ASN A 63 2.64 -14.32 -3.27
CA ASN A 63 3.21 -15.66 -3.15
C ASN A 63 2.46 -16.48 -2.11
N HIS A 64 2.35 -15.94 -0.90
CA HIS A 64 1.65 -16.62 0.18
C HIS A 64 0.53 -15.76 0.73
N GLY A 1 4.37 3.00 -15.53
CA GLY A 1 5.49 3.32 -14.67
C GLY A 1 5.06 3.88 -13.33
N SER A 2 5.74 4.92 -12.88
CA SER A 2 5.42 5.55 -11.60
C SER A 2 4.85 6.96 -11.82
N SER A 3 4.18 7.47 -10.79
CA SER A 3 3.59 8.81 -10.86
C SER A 3 3.34 9.36 -9.46
N GLY A 4 3.64 10.65 -9.28
CA GLY A 4 3.45 11.28 -7.99
C GLY A 4 3.70 12.78 -8.04
N SER A 5 3.34 13.47 -6.96
CA SER A 5 3.54 14.92 -6.88
C SER A 5 4.27 15.29 -5.61
N SER A 6 3.73 14.85 -4.47
CA SER A 6 4.34 15.15 -3.17
C SER A 6 4.93 13.89 -2.55
N GLY A 7 5.55 13.06 -3.38
CA GLY A 7 6.15 11.83 -2.90
C GLY A 7 5.37 11.22 -1.76
N LYS A 8 6.08 10.59 -0.82
CA LYS A 8 5.44 9.96 0.33
C LYS A 8 6.30 10.09 1.58
N PRO A 9 5.65 10.17 2.75
CA PRO A 9 6.34 10.30 4.04
C PRO A 9 7.10 9.04 4.42
N GLU A 10 7.93 9.14 5.45
CA GLU A 10 8.70 7.99 5.92
C GLU A 10 8.04 7.34 7.13
N TRP A 11 7.49 8.17 8.02
CA TRP A 11 6.82 7.67 9.21
C TRP A 11 5.74 6.66 8.86
N MET A 12 5.18 6.80 7.66
CA MET A 12 4.13 5.90 7.19
C MET A 12 4.70 4.51 6.91
N MET A 13 4.19 3.50 7.61
CA MET A 13 4.64 2.13 7.42
C MET A 13 3.49 1.24 6.96
N ILE A 14 3.84 0.03 6.54
CA ILE A 14 2.83 -0.93 6.08
C ILE A 14 2.79 -2.16 6.98
N HIS A 15 1.72 -2.27 7.76
CA HIS A 15 1.55 -3.40 8.67
C HIS A 15 1.49 -4.71 7.89
N ARG A 16 0.49 -4.84 7.03
CA ARG A 16 0.32 -6.04 6.22
C ARG A 16 -0.75 -5.84 5.17
N ILE A 17 -0.62 -6.54 4.04
CA ILE A 17 -1.57 -6.43 2.95
C ILE A 17 -2.88 -7.15 3.29
N LEU A 18 -3.84 -6.39 3.80
CA LEU A 18 -5.13 -6.95 4.18
C LEU A 18 -5.76 -7.69 2.99
N ASN A 19 -5.84 -7.03 1.85
CA ASN A 19 -6.42 -7.63 0.66
C ASN A 19 -6.06 -6.82 -0.59
N HIS A 20 -6.61 -7.23 -1.72
CA HIS A 20 -6.37 -6.53 -2.98
C HIS A 20 -7.64 -6.41 -3.80
N SER A 21 -7.68 -5.43 -4.69
CA SER A 21 -8.84 -5.21 -5.54
C SER A 21 -8.49 -4.32 -6.74
N VAL A 22 -8.85 -4.78 -7.93
CA VAL A 22 -8.57 -4.03 -9.15
C VAL A 22 -9.85 -3.49 -9.77
N ASP A 23 -9.90 -2.17 -9.95
CA ASP A 23 -11.08 -1.53 -10.54
C ASP A 23 -11.27 -1.96 -11.98
N LYS A 24 -12.43 -1.64 -12.54
CA LYS A 24 -12.74 -1.98 -13.92
C LYS A 24 -11.66 -1.47 -14.87
N LYS A 25 -11.04 -0.35 -14.51
CA LYS A 25 -9.99 0.24 -15.32
C LYS A 25 -8.82 -0.71 -15.48
N GLY A 26 -8.44 -1.37 -14.40
CA GLY A 26 -7.34 -2.31 -14.45
C GLY A 26 -6.32 -2.08 -13.34
N HIS A 27 -6.17 -0.82 -12.93
CA HIS A 27 -5.22 -0.46 -11.88
C HIS A 27 -5.47 -1.31 -10.63
N VAL A 28 -4.51 -2.16 -10.30
CA VAL A 28 -4.61 -3.02 -9.13
C VAL A 28 -4.37 -2.23 -7.84
N HIS A 29 -5.26 -2.41 -6.88
CA HIS A 29 -5.14 -1.72 -5.60
C HIS A 29 -4.94 -2.71 -4.45
N TYR A 30 -4.22 -2.29 -3.42
CA TYR A 30 -3.95 -3.14 -2.27
C TYR A 30 -4.36 -2.45 -0.98
N LEU A 31 -5.19 -3.12 -0.19
CA LEU A 31 -5.66 -2.59 1.08
C LEU A 31 -4.52 -2.52 2.10
N ILE A 32 -3.88 -1.36 2.17
CA ILE A 32 -2.77 -1.16 3.10
C ILE A 32 -3.28 -0.77 4.48
N LYS A 33 -2.77 -1.44 5.51
CA LYS A 33 -3.18 -1.16 6.89
C LYS A 33 -2.08 -0.40 7.62
N TRP A 34 -2.18 0.92 7.62
CA TRP A 34 -1.20 1.77 8.30
C TRP A 34 -0.94 1.28 9.72
N ARG A 35 0.21 0.66 9.93
CA ARG A 35 0.57 0.15 11.26
C ARG A 35 0.02 1.05 12.35
N ASP A 36 0.40 2.31 12.33
CA ASP A 36 -0.06 3.27 13.33
C ASP A 36 -1.56 3.19 13.50
N LEU A 37 -2.29 3.34 12.40
CA LEU A 37 -3.75 3.29 12.43
C LEU A 37 -4.24 1.86 12.60
N PRO A 38 -5.43 1.70 13.20
CA PRO A 38 -6.03 0.39 13.44
C PRO A 38 -6.49 -0.28 12.13
N TYR A 39 -7.31 -1.32 12.26
CA TYR A 39 -7.82 -2.04 11.11
C TYR A 39 -9.05 -1.36 10.53
N ASP A 40 -9.83 -0.72 11.41
CA ASP A 40 -11.05 -0.03 11.00
C ASP A 40 -10.70 1.28 10.30
N GLN A 41 -9.46 1.71 10.43
CA GLN A 41 -9.01 2.96 9.81
C GLN A 41 -8.28 2.68 8.50
N ALA A 42 -7.85 1.44 8.32
CA ALA A 42 -7.14 1.04 7.11
C ALA A 42 -7.69 1.76 5.89
N SER A 43 -6.83 1.97 4.90
CA SER A 43 -7.24 2.66 3.67
C SER A 43 -6.71 1.93 2.44
N TRP A 44 -7.38 2.12 1.32
CA TRP A 44 -6.98 1.48 0.06
C TRP A 44 -5.95 2.33 -0.67
N GLU A 45 -4.96 1.66 -1.27
CA GLU A 45 -3.91 2.36 -2.01
C GLU A 45 -3.53 1.59 -3.26
N SER A 46 -3.60 2.26 -4.41
CA SER A 46 -3.27 1.64 -5.69
C SER A 46 -1.91 0.94 -5.61
N GLU A 47 -1.56 0.21 -6.66
CA GLU A 47 -0.30 -0.50 -6.72
C GLU A 47 0.82 0.40 -7.23
N ASP A 48 0.51 1.69 -7.38
CA ASP A 48 1.49 2.65 -7.86
C ASP A 48 2.10 3.43 -6.70
N VAL A 49 1.33 3.59 -5.63
CA VAL A 49 1.80 4.31 -4.45
C VAL A 49 3.19 3.85 -4.03
N GLU A 50 4.02 4.79 -3.61
CA GLU A 50 5.38 4.47 -3.18
C GLU A 50 5.50 4.51 -1.66
N ILE A 51 5.58 3.33 -1.05
CA ILE A 51 5.69 3.23 0.40
C ILE A 51 6.88 2.35 0.79
N GLN A 52 7.35 2.52 2.02
CA GLN A 52 8.48 1.74 2.52
C GLN A 52 8.24 0.24 2.32
N ASP A 53 9.20 -0.44 1.73
CA ASP A 53 9.10 -1.87 1.49
C ASP A 53 7.72 -2.22 0.94
N TYR A 54 7.19 -1.36 0.10
CA TYR A 54 5.87 -1.57 -0.51
C TYR A 54 5.91 -2.73 -1.50
N ASP A 55 6.90 -2.70 -2.38
CA ASP A 55 7.06 -3.74 -3.39
C ASP A 55 7.32 -5.10 -2.74
N LEU A 56 8.07 -5.09 -1.64
CA LEU A 56 8.39 -6.32 -0.92
C LEU A 56 7.12 -7.00 -0.40
N PHE A 57 6.27 -6.20 0.25
CA PHE A 57 5.02 -6.72 0.80
C PHE A 57 4.16 -7.33 -0.30
N LYS A 58 3.81 -6.53 -1.30
CA LYS A 58 2.99 -6.99 -2.40
C LYS A 58 3.53 -8.30 -2.98
N GLN A 59 4.85 -8.38 -3.10
CA GLN A 59 5.50 -9.57 -3.64
C GLN A 59 5.30 -10.76 -2.71
N SER A 60 5.20 -10.48 -1.40
CA SER A 60 5.00 -11.53 -0.41
C SER A 60 3.56 -12.02 -0.41
N TYR A 61 2.66 -11.17 0.06
CA TYR A 61 1.24 -11.52 0.11
C TYR A 61 0.85 -12.39 -1.08
N TRP A 62 1.35 -12.03 -2.26
CA TRP A 62 1.05 -12.78 -3.47
C TRP A 62 1.47 -14.24 -3.34
N ASN A 63 2.76 -14.46 -3.10
CA ASN A 63 3.28 -15.81 -2.94
C ASN A 63 2.52 -16.57 -1.85
N HIS A 64 2.38 -15.95 -0.69
CA HIS A 64 1.68 -16.57 0.42
C HIS A 64 0.33 -15.88 0.67
N GLY A 1 21.18 15.35 -1.80
CA GLY A 1 20.26 15.97 -0.87
C GLY A 1 19.01 16.51 -1.55
N SER A 2 17.85 16.15 -1.01
CA SER A 2 16.57 16.58 -1.57
C SER A 2 15.73 17.31 -0.53
N SER A 3 15.68 18.63 -0.63
CA SER A 3 14.91 19.44 0.31
C SER A 3 13.78 20.18 -0.40
N GLY A 4 12.55 19.92 0.04
CA GLY A 4 11.40 20.57 -0.57
C GLY A 4 10.61 19.63 -1.46
N SER A 5 11.28 19.08 -2.48
CA SER A 5 10.64 18.16 -3.41
C SER A 5 10.48 16.78 -2.79
N SER A 6 9.29 16.51 -2.26
CA SER A 6 9.00 15.22 -1.63
C SER A 6 7.66 14.67 -2.11
N GLY A 7 7.40 13.41 -1.77
CA GLY A 7 6.15 12.78 -2.17
C GLY A 7 5.40 12.21 -0.99
N LYS A 8 5.79 11.00 -0.58
CA LYS A 8 5.14 10.34 0.55
C LYS A 8 6.00 10.43 1.81
N PRO A 9 5.34 10.42 2.98
CA PRO A 9 6.02 10.50 4.27
C PRO A 9 6.81 9.24 4.59
N GLU A 10 7.60 9.29 5.66
CA GLU A 10 8.41 8.15 6.07
C GLU A 10 7.77 7.44 7.27
N TRP A 11 7.27 8.22 8.21
CA TRP A 11 6.64 7.67 9.40
C TRP A 11 5.59 6.63 9.04
N MET A 12 4.97 6.81 7.87
CA MET A 12 3.95 5.89 7.40
C MET A 12 4.56 4.53 7.06
N MET A 13 3.99 3.47 7.64
CA MET A 13 4.48 2.12 7.40
C MET A 13 3.34 1.19 6.97
N ILE A 14 3.69 0.00 6.51
CA ILE A 14 2.69 -0.96 6.07
C ILE A 14 2.72 -2.21 6.95
N HIS A 15 1.67 -2.39 7.74
CA HIS A 15 1.56 -3.54 8.63
C HIS A 15 1.50 -4.83 7.84
N ARG A 16 0.51 -4.94 6.95
CA ARG A 16 0.34 -6.13 6.13
C ARG A 16 -0.79 -5.94 5.12
N ILE A 17 -0.62 -6.50 3.94
CA ILE A 17 -1.62 -6.40 2.88
C ILE A 17 -2.90 -7.11 3.27
N LEU A 18 -3.90 -6.35 3.70
CA LEU A 18 -5.18 -6.91 4.11
C LEU A 18 -5.84 -7.64 2.94
N ASN A 19 -5.83 -7.01 1.77
CA ASN A 19 -6.43 -7.60 0.57
C ASN A 19 -6.09 -6.79 -0.67
N HIS A 20 -6.60 -7.22 -1.82
CA HIS A 20 -6.35 -6.53 -3.08
C HIS A 20 -7.63 -6.43 -3.90
N SER A 21 -7.67 -5.44 -4.79
CA SER A 21 -8.84 -5.22 -5.64
C SER A 21 -8.47 -4.41 -6.87
N VAL A 22 -9.09 -4.75 -8.00
CA VAL A 22 -8.83 -4.05 -9.25
C VAL A 22 -10.07 -3.30 -9.74
N ASP A 23 -9.98 -1.98 -9.74
CA ASP A 23 -11.09 -1.14 -10.17
C ASP A 23 -11.29 -1.23 -11.69
N LYS A 24 -12.38 -0.66 -12.18
CA LYS A 24 -12.68 -0.68 -13.61
C LYS A 24 -11.50 -0.16 -14.42
N LYS A 25 -10.85 0.88 -13.90
CA LYS A 25 -9.70 1.47 -14.58
C LYS A 25 -8.65 0.41 -14.90
N GLY A 26 -8.59 -0.63 -14.08
CA GLY A 26 -7.63 -1.69 -14.30
C GLY A 26 -6.46 -1.63 -13.33
N HIS A 27 -6.21 -0.46 -12.77
CA HIS A 27 -5.12 -0.27 -11.83
C HIS A 27 -5.33 -1.12 -10.58
N VAL A 28 -4.42 -2.06 -10.35
CA VAL A 28 -4.50 -2.95 -9.20
C VAL A 28 -4.28 -2.17 -7.90
N HIS A 29 -5.17 -2.39 -6.94
CA HIS A 29 -5.08 -1.72 -5.65
C HIS A 29 -4.81 -2.72 -4.53
N TYR A 30 -4.17 -2.25 -3.46
CA TYR A 30 -3.85 -3.11 -2.33
C TYR A 30 -4.25 -2.45 -1.02
N LEU A 31 -5.12 -3.12 -0.27
CA LEU A 31 -5.58 -2.59 1.02
C LEU A 31 -4.44 -2.50 2.01
N ILE A 32 -3.83 -1.34 2.12
CA ILE A 32 -2.72 -1.12 3.04
C ILE A 32 -3.22 -0.74 4.43
N LYS A 33 -2.80 -1.50 5.44
CA LYS A 33 -3.21 -1.24 6.81
C LYS A 33 -2.15 -0.44 7.56
N TRP A 34 -2.29 0.88 7.55
CA TRP A 34 -1.34 1.76 8.21
C TRP A 34 -1.04 1.26 9.63
N ARG A 35 0.13 0.66 9.81
CA ARG A 35 0.54 0.14 11.11
C ARG A 35 0.00 1.02 12.23
N ASP A 36 0.28 2.31 12.15
CA ASP A 36 -0.16 3.27 13.16
C ASP A 36 -1.66 3.12 13.41
N LEU A 37 -2.44 3.23 12.34
CA LEU A 37 -3.90 3.12 12.45
C LEU A 37 -4.32 1.66 12.57
N PRO A 38 -5.48 1.44 13.20
CA PRO A 38 -6.03 0.09 13.40
C PRO A 38 -6.50 -0.55 12.10
N TYR A 39 -7.15 -1.70 12.22
CA TYR A 39 -7.65 -2.41 11.04
C TYR A 39 -8.95 -1.78 10.53
N ASP A 40 -9.70 -1.18 11.45
CA ASP A 40 -10.96 -0.55 11.10
C ASP A 40 -10.72 0.82 10.47
N GLN A 41 -9.46 1.25 10.46
CA GLN A 41 -9.10 2.54 9.89
C GLN A 41 -8.27 2.35 8.62
N ALA A 42 -8.07 1.10 8.22
CA ALA A 42 -7.29 0.79 7.03
C ALA A 42 -7.81 1.56 5.82
N SER A 43 -6.90 1.97 4.94
CA SER A 43 -7.27 2.71 3.75
C SER A 43 -6.68 2.06 2.50
N TRP A 44 -7.47 2.02 1.43
CA TRP A 44 -7.03 1.43 0.17
C TRP A 44 -6.02 2.32 -0.53
N GLU A 45 -4.93 1.72 -1.01
CA GLU A 45 -3.88 2.46 -1.69
C GLU A 45 -3.46 1.75 -2.97
N SER A 46 -3.74 2.39 -4.11
CA SER A 46 -3.39 1.81 -5.40
C SER A 46 -1.94 1.33 -5.41
N GLU A 47 -1.54 0.69 -6.52
CA GLU A 47 -0.18 0.20 -6.66
C GLU A 47 0.73 1.24 -7.28
N ASP A 48 0.33 2.50 -7.20
CA ASP A 48 1.10 3.60 -7.76
C ASP A 48 1.78 4.40 -6.65
N VAL A 49 1.13 4.49 -5.51
CA VAL A 49 1.67 5.23 -4.38
C VAL A 49 3.05 4.71 -3.99
N GLU A 50 3.95 5.63 -3.64
CA GLU A 50 5.31 5.26 -3.25
C GLU A 50 5.40 5.08 -1.74
N ILE A 51 5.61 3.84 -1.31
CA ILE A 51 5.72 3.53 0.10
C ILE A 51 6.94 2.65 0.38
N GLN A 52 7.58 2.90 1.52
CA GLN A 52 8.76 2.12 1.90
C GLN A 52 8.47 0.63 1.90
N ASP A 53 9.25 -0.12 1.13
CA ASP A 53 9.08 -1.57 1.03
C ASP A 53 7.66 -1.91 0.57
N TYR A 54 7.15 -1.12 -0.37
CA TYR A 54 5.80 -1.35 -0.90
C TYR A 54 5.76 -2.61 -1.76
N ASP A 55 6.77 -2.78 -2.60
CA ASP A 55 6.85 -3.93 -3.49
C ASP A 55 7.09 -5.21 -2.69
N LEU A 56 7.95 -5.10 -1.68
CA LEU A 56 8.27 -6.25 -0.83
C LEU A 56 7.00 -6.93 -0.33
N PHE A 57 6.13 -6.16 0.31
CA PHE A 57 4.88 -6.70 0.84
C PHE A 57 4.10 -7.42 -0.25
N LYS A 58 3.73 -6.67 -1.30
CA LYS A 58 2.97 -7.24 -2.40
C LYS A 58 3.63 -8.50 -2.93
N GLN A 59 4.95 -8.49 -3.03
CA GLN A 59 5.70 -9.64 -3.51
C GLN A 59 5.49 -10.84 -2.60
N SER A 60 5.32 -10.58 -1.30
CA SER A 60 5.11 -11.64 -0.34
C SER A 60 3.65 -12.11 -0.35
N TYR A 61 2.76 -11.21 0.01
CA TYR A 61 1.33 -11.53 0.04
C TYR A 61 0.94 -12.44 -1.12
N TRP A 62 1.49 -12.14 -2.29
CA TRP A 62 1.20 -12.93 -3.49
C TRP A 62 1.59 -14.39 -3.28
N ASN A 63 2.84 -14.61 -2.87
CA ASN A 63 3.34 -15.96 -2.64
C ASN A 63 2.48 -16.69 -1.61
N HIS A 64 2.46 -16.17 -0.38
CA HIS A 64 1.69 -16.77 0.69
C HIS A 64 0.32 -17.23 0.19
N GLY A 1 5.83 9.41 -10.23
CA GLY A 1 7.27 9.27 -10.42
C GLY A 1 8.07 10.04 -9.38
N SER A 2 9.27 10.45 -9.76
CA SER A 2 10.14 11.19 -8.85
C SER A 2 10.73 12.42 -9.54
N SER A 3 9.88 13.14 -10.27
CA SER A 3 10.33 14.34 -10.99
C SER A 3 9.43 15.52 -10.65
N GLY A 4 9.07 15.65 -9.38
CA GLY A 4 8.23 16.75 -8.95
C GLY A 4 7.07 16.28 -8.09
N SER A 5 6.36 15.27 -8.55
CA SER A 5 5.22 14.72 -7.80
C SER A 5 5.51 14.70 -6.31
N SER A 6 4.48 14.95 -5.51
CA SER A 6 4.61 14.96 -4.06
C SER A 6 5.11 13.61 -3.56
N GLY A 7 6.07 13.64 -2.63
CA GLY A 7 6.61 12.41 -2.08
C GLY A 7 5.84 11.92 -0.86
N LYS A 8 5.96 10.63 -0.57
CA LYS A 8 5.27 10.05 0.57
C LYS A 8 6.12 10.13 1.83
N PRO A 9 5.47 10.17 3.00
CA PRO A 9 6.15 10.24 4.29
C PRO A 9 6.88 8.95 4.63
N GLU A 10 7.89 9.06 5.49
CA GLU A 10 8.68 7.90 5.90
C GLU A 10 8.06 7.23 7.12
N TRP A 11 7.64 8.04 8.09
CA TRP A 11 7.03 7.51 9.31
C TRP A 11 5.92 6.53 8.99
N MET A 12 5.30 6.70 7.83
CA MET A 12 4.22 5.83 7.39
C MET A 12 4.76 4.44 7.03
N MET A 13 4.19 3.41 7.64
CA MET A 13 4.61 2.04 7.38
C MET A 13 3.44 1.19 6.89
N ILE A 14 3.72 -0.07 6.56
CA ILE A 14 2.68 -0.97 6.09
C ILE A 14 2.59 -2.21 6.97
N HIS A 15 1.52 -2.30 7.75
CA HIS A 15 1.31 -3.44 8.64
C HIS A 15 1.27 -4.75 7.86
N ARG A 16 0.31 -4.86 6.94
CA ARG A 16 0.16 -6.06 6.13
C ARG A 16 -0.92 -5.87 5.07
N ILE A 17 -0.73 -6.51 3.92
CA ILE A 17 -1.69 -6.40 2.83
C ILE A 17 -2.99 -7.12 3.18
N LEU A 18 -3.93 -6.37 3.76
CA LEU A 18 -5.23 -6.94 4.14
C LEU A 18 -5.88 -7.65 2.97
N ASN A 19 -5.85 -7.01 1.80
CA ASN A 19 -6.44 -7.59 0.59
C ASN A 19 -6.09 -6.76 -0.63
N HIS A 20 -6.61 -7.16 -1.79
CA HIS A 20 -6.35 -6.46 -3.03
C HIS A 20 -7.61 -6.34 -3.87
N SER A 21 -7.69 -5.29 -4.69
CA SER A 21 -8.85 -5.05 -5.53
C SER A 21 -8.47 -4.28 -6.78
N VAL A 22 -8.80 -4.81 -7.95
CA VAL A 22 -8.50 -4.16 -9.21
C VAL A 22 -9.76 -3.68 -9.90
N ASP A 23 -9.96 -2.36 -9.90
CA ASP A 23 -11.14 -1.77 -10.52
C ASP A 23 -11.30 -2.26 -11.95
N LYS A 24 -12.38 -1.84 -12.60
CA LYS A 24 -12.66 -2.25 -13.98
C LYS A 24 -11.62 -1.66 -14.93
N LYS A 25 -11.00 -0.55 -14.52
CA LYS A 25 -9.99 0.11 -15.34
C LYS A 25 -8.78 -0.80 -15.55
N GLY A 26 -8.37 -1.49 -14.48
CA GLY A 26 -7.23 -2.39 -14.58
C GLY A 26 -6.21 -2.13 -13.49
N HIS A 27 -6.22 -0.92 -12.94
CA HIS A 27 -5.28 -0.55 -11.88
C HIS A 27 -5.52 -1.39 -10.62
N VAL A 28 -4.54 -2.22 -10.28
CA VAL A 28 -4.65 -3.07 -9.11
C VAL A 28 -4.38 -2.28 -7.82
N HIS A 29 -5.27 -2.44 -6.85
CA HIS A 29 -5.13 -1.75 -5.58
C HIS A 29 -4.88 -2.74 -4.44
N TYR A 30 -4.14 -2.28 -3.43
CA TYR A 30 -3.82 -3.12 -2.28
C TYR A 30 -4.24 -2.46 -0.98
N LEU A 31 -5.14 -3.12 -0.25
CA LEU A 31 -5.63 -2.59 1.02
C LEU A 31 -4.51 -2.51 2.04
N ILE A 32 -3.83 -1.36 2.10
CA ILE A 32 -2.74 -1.16 3.03
C ILE A 32 -3.25 -0.76 4.41
N LYS A 33 -2.88 -1.52 5.43
CA LYS A 33 -3.31 -1.25 6.79
C LYS A 33 -2.22 -0.49 7.55
N TRP A 34 -2.32 0.83 7.56
CA TRP A 34 -1.35 1.67 8.26
C TRP A 34 -1.08 1.14 9.66
N ARG A 35 0.13 0.64 9.89
CA ARG A 35 0.50 0.10 11.19
C ARG A 35 -0.08 0.95 12.32
N ASP A 36 0.47 2.14 12.51
CA ASP A 36 0.02 3.04 13.55
C ASP A 36 -1.49 2.92 13.74
N LEU A 37 -2.23 3.06 12.64
CA LEU A 37 -3.69 2.98 12.68
C LEU A 37 -4.14 1.52 12.76
N PRO A 38 -5.32 1.31 13.38
CA PRO A 38 -5.89 -0.04 13.54
C PRO A 38 -6.36 -0.62 12.22
N TYR A 39 -7.13 -1.71 12.30
CA TYR A 39 -7.65 -2.37 11.11
C TYR A 39 -8.88 -1.65 10.57
N ASP A 40 -9.72 -1.17 11.49
CA ASP A 40 -10.92 -0.46 11.11
C ASP A 40 -10.59 0.91 10.52
N GLN A 41 -9.32 1.29 10.59
CA GLN A 41 -8.88 2.58 10.07
C GLN A 41 -8.02 2.39 8.82
N ALA A 42 -8.01 1.17 8.30
CA ALA A 42 -7.23 0.85 7.10
C ALA A 42 -7.75 1.64 5.90
N SER A 43 -6.84 1.96 4.98
CA SER A 43 -7.20 2.71 3.78
C SER A 43 -6.64 2.04 2.53
N TRP A 44 -7.40 2.08 1.45
CA TRP A 44 -6.98 1.48 0.19
C TRP A 44 -5.92 2.34 -0.50
N GLU A 45 -4.97 1.70 -1.15
CA GLU A 45 -3.90 2.40 -1.85
C GLU A 45 -3.48 1.66 -3.10
N SER A 46 -3.64 2.30 -4.26
CA SER A 46 -3.29 1.71 -5.54
C SER A 46 -1.87 1.14 -5.49
N GLU A 47 -1.50 0.44 -6.56
CA GLU A 47 -0.17 -0.16 -6.65
C GLU A 47 0.84 0.82 -7.25
N ASP A 48 0.48 2.10 -7.23
CA ASP A 48 1.35 3.14 -7.77
C ASP A 48 2.01 3.94 -6.65
N VAL A 49 1.31 4.08 -5.54
CA VAL A 49 1.83 4.83 -4.39
C VAL A 49 3.22 4.33 -4.01
N GLU A 50 4.07 5.25 -3.55
CA GLU A 50 5.42 4.91 -3.16
C GLU A 50 5.54 4.82 -1.64
N ILE A 51 5.73 3.60 -1.14
CA ILE A 51 5.85 3.38 0.29
C ILE A 51 7.05 2.49 0.61
N GLN A 52 7.64 2.69 1.78
CA GLN A 52 8.80 1.91 2.19
C GLN A 52 8.56 0.42 1.96
N ASP A 53 9.47 -0.20 1.23
CA ASP A 53 9.37 -1.63 0.93
C ASP A 53 7.94 -1.99 0.52
N TYR A 54 7.31 -1.11 -0.25
CA TYR A 54 5.94 -1.34 -0.71
C TYR A 54 5.86 -2.60 -1.57
N ASP A 55 6.80 -2.73 -2.49
CA ASP A 55 6.83 -3.89 -3.39
C ASP A 55 7.02 -5.18 -2.60
N LEU A 56 7.99 -5.17 -1.69
CA LEU A 56 8.28 -6.34 -0.87
C LEU A 56 6.99 -6.99 -0.37
N PHE A 57 6.14 -6.19 0.26
CA PHE A 57 4.87 -6.68 0.78
C PHE A 57 4.05 -7.35 -0.32
N LYS A 58 3.71 -6.58 -1.34
CA LYS A 58 2.93 -7.09 -2.46
C LYS A 58 3.51 -8.41 -2.98
N GLN A 59 4.84 -8.45 -3.10
CA GLN A 59 5.52 -9.65 -3.58
C GLN A 59 5.27 -10.83 -2.65
N SER A 60 5.31 -10.57 -1.34
CA SER A 60 5.10 -11.60 -0.34
C SER A 60 3.64 -12.06 -0.34
N TYR A 61 2.75 -11.15 0.05
CA TYR A 61 1.32 -11.46 0.10
C TYR A 61 0.92 -12.39 -1.03
N TRP A 62 1.39 -12.10 -2.23
CA TRP A 62 1.09 -12.91 -3.40
C TRP A 62 1.55 -14.35 -3.20
N ASN A 63 2.87 -14.54 -3.17
CA ASN A 63 3.44 -15.86 -2.98
C ASN A 63 2.76 -16.60 -1.83
N HIS A 64 2.51 -15.88 -0.75
CA HIS A 64 1.85 -16.47 0.41
C HIS A 64 0.52 -15.78 0.69
N GLY A 1 8.99 12.85 -10.30
CA GLY A 1 8.83 12.14 -11.55
C GLY A 1 8.03 12.94 -12.57
N SER A 2 6.76 12.59 -12.73
CA SER A 2 5.89 13.27 -13.68
C SER A 2 4.73 13.95 -12.96
N SER A 3 4.10 13.21 -12.05
CA SER A 3 2.96 13.74 -11.29
C SER A 3 3.43 14.53 -10.07
N GLY A 4 3.64 15.83 -10.26
CA GLY A 4 4.10 16.67 -9.17
C GLY A 4 5.40 16.18 -8.57
N SER A 5 5.97 16.98 -7.67
CA SER A 5 7.23 16.63 -7.02
C SER A 5 7.01 16.36 -5.53
N SER A 6 5.93 15.65 -5.21
CA SER A 6 5.61 15.33 -3.83
C SER A 6 5.93 13.87 -3.52
N GLY A 7 6.21 13.59 -2.25
CA GLY A 7 6.53 12.23 -1.86
C GLY A 7 5.74 11.79 -0.65
N LYS A 8 6.15 10.66 -0.05
CA LYS A 8 5.47 10.13 1.13
C LYS A 8 6.38 10.18 2.35
N PRO A 9 5.78 10.22 3.54
CA PRO A 9 6.52 10.28 4.81
C PRO A 9 7.24 8.97 5.11
N GLU A 10 8.10 9.00 6.12
CA GLU A 10 8.86 7.82 6.51
C GLU A 10 8.21 7.11 7.70
N TRP A 11 7.78 7.90 8.68
CA TRP A 11 7.13 7.36 9.87
C TRP A 11 6.03 6.38 9.49
N MET A 12 5.43 6.59 8.32
CA MET A 12 4.36 5.72 7.85
C MET A 12 4.90 4.33 7.50
N MET A 13 4.17 3.31 7.91
CA MET A 13 4.57 1.92 7.64
C MET A 13 3.40 1.11 7.11
N ILE A 14 3.69 -0.10 6.65
CA ILE A 14 2.66 -0.99 6.12
C ILE A 14 2.56 -2.27 6.94
N HIS A 15 1.67 -2.26 7.94
CA HIS A 15 1.47 -3.42 8.80
C HIS A 15 1.45 -4.71 7.97
N ARG A 16 0.42 -4.86 7.15
CA ARG A 16 0.28 -6.05 6.31
C ARG A 16 -0.79 -5.84 5.25
N ILE A 17 -0.66 -6.56 4.13
CA ILE A 17 -1.61 -6.45 3.04
C ILE A 17 -2.93 -7.14 3.38
N LEU A 18 -3.89 -6.36 3.86
CA LEU A 18 -5.19 -6.89 4.23
C LEU A 18 -5.82 -7.65 3.07
N ASN A 19 -5.76 -7.05 1.87
CA ASN A 19 -6.32 -7.66 0.68
C ASN A 19 -5.97 -6.85 -0.56
N HIS A 20 -6.45 -7.31 -1.72
CA HIS A 20 -6.20 -6.63 -2.98
C HIS A 20 -7.48 -6.50 -3.80
N SER A 21 -7.51 -5.49 -4.67
CA SER A 21 -8.68 -5.26 -5.52
C SER A 21 -8.31 -4.47 -6.76
N VAL A 22 -8.65 -5.01 -7.93
CA VAL A 22 -8.34 -4.36 -9.19
C VAL A 22 -9.48 -3.45 -9.63
N ASP A 23 -9.22 -2.15 -9.71
CA ASP A 23 -10.22 -1.17 -10.12
C ASP A 23 -10.67 -1.42 -11.55
N LYS A 24 -11.84 -0.90 -11.90
CA LYS A 24 -12.37 -1.07 -13.24
C LYS A 24 -11.33 -0.69 -14.30
N LYS A 25 -10.61 0.39 -14.05
CA LYS A 25 -9.58 0.85 -14.98
C LYS A 25 -8.53 -0.23 -15.21
N GLY A 26 -8.22 -0.99 -14.16
CA GLY A 26 -7.23 -2.05 -14.27
C GLY A 26 -6.13 -1.91 -13.25
N HIS A 27 -5.97 -0.71 -12.70
CA HIS A 27 -4.93 -0.45 -11.70
C HIS A 27 -5.18 -1.28 -10.44
N VAL A 28 -4.31 -2.25 -10.19
CA VAL A 28 -4.44 -3.10 -9.02
C VAL A 28 -4.24 -2.29 -7.73
N HIS A 29 -5.15 -2.50 -6.79
CA HIS A 29 -5.07 -1.80 -5.50
C HIS A 29 -4.80 -2.76 -4.36
N TYR A 30 -4.01 -2.32 -3.39
CA TYR A 30 -3.67 -3.14 -2.24
C TYR A 30 -4.11 -2.49 -0.94
N LEU A 31 -5.02 -3.16 -0.23
CA LEU A 31 -5.54 -2.65 1.03
C LEU A 31 -4.42 -2.56 2.08
N ILE A 32 -3.77 -1.40 2.15
CA ILE A 32 -2.68 -1.20 3.10
C ILE A 32 -3.25 -0.81 4.48
N LYS A 33 -2.75 -1.49 5.51
CA LYS A 33 -3.19 -1.21 6.87
C LYS A 33 -2.12 -0.45 7.65
N TRP A 34 -2.20 0.86 7.63
CA TRP A 34 -1.23 1.70 8.34
C TRP A 34 -1.05 1.23 9.78
N ARG A 35 0.08 0.59 10.04
CA ARG A 35 0.38 0.08 11.39
C ARG A 35 -0.19 1.02 12.45
N ASP A 36 0.19 2.29 12.37
CA ASP A 36 -0.29 3.28 13.33
C ASP A 36 -1.80 3.22 13.48
N LEU A 37 -2.51 3.25 12.35
CA LEU A 37 -3.96 3.20 12.35
C LEU A 37 -4.46 1.77 12.50
N PRO A 38 -5.67 1.61 13.06
CA PRO A 38 -6.28 0.29 13.28
C PRO A 38 -6.70 -0.36 11.97
N TYR A 39 -7.39 -1.49 12.08
CA TYR A 39 -7.85 -2.23 10.91
C TYR A 39 -9.11 -1.58 10.33
N ASP A 40 -9.90 -0.98 11.19
CA ASP A 40 -11.14 -0.32 10.77
C ASP A 40 -10.84 1.03 10.12
N GLN A 41 -9.60 1.49 10.27
CA GLN A 41 -9.20 2.77 9.71
C GLN A 41 -8.41 2.57 8.41
N ALA A 42 -7.98 1.33 8.19
CA ALA A 42 -7.22 0.99 6.98
C ALA A 42 -7.74 1.76 5.77
N SER A 43 -6.87 1.97 4.79
CA SER A 43 -7.25 2.69 3.57
C SER A 43 -6.68 1.99 2.34
N TRP A 44 -7.47 1.98 1.27
CA TRP A 44 -7.05 1.35 0.02
C TRP A 44 -6.03 2.21 -0.71
N GLU A 45 -4.93 1.60 -1.13
CA GLU A 45 -3.88 2.31 -1.84
C GLU A 45 -3.51 1.59 -3.13
N SER A 46 -3.69 2.26 -4.26
CA SER A 46 -3.38 1.68 -5.56
C SER A 46 -1.98 1.07 -5.55
N GLU A 47 -1.67 0.32 -6.61
CA GLU A 47 -0.37 -0.33 -6.73
C GLU A 47 0.67 0.64 -7.30
N ASP A 48 0.30 1.92 -7.36
CA ASP A 48 1.19 2.94 -7.88
C ASP A 48 1.83 3.73 -6.74
N VAL A 49 1.18 3.73 -5.59
CA VAL A 49 1.68 4.46 -4.43
C VAL A 49 3.10 4.02 -4.07
N GLU A 50 3.90 4.95 -3.59
CA GLU A 50 5.28 4.66 -3.21
C GLU A 50 5.44 4.63 -1.70
N ILE A 51 5.57 3.42 -1.15
CA ILE A 51 5.73 3.25 0.29
C ILE A 51 6.94 2.38 0.60
N GLN A 52 7.48 2.54 1.82
CA GLN A 52 8.63 1.77 2.25
C GLN A 52 8.39 0.27 2.07
N ASP A 53 9.31 -0.40 1.40
CA ASP A 53 9.19 -1.84 1.18
C ASP A 53 7.80 -2.19 0.65
N TYR A 54 7.24 -1.31 -0.16
CA TYR A 54 5.91 -1.52 -0.72
C TYR A 54 5.91 -2.70 -1.70
N ASP A 55 6.97 -2.78 -2.50
CA ASP A 55 7.10 -3.85 -3.48
C ASP A 55 7.24 -5.21 -2.80
N LEU A 56 7.93 -5.21 -1.66
CA LEU A 56 8.14 -6.44 -0.91
C LEU A 56 6.81 -7.02 -0.42
N PHE A 57 6.05 -6.19 0.29
CA PHE A 57 4.76 -6.62 0.81
C PHE A 57 3.87 -7.19 -0.29
N LYS A 58 3.70 -6.42 -1.35
CA LYS A 58 2.89 -6.85 -2.49
C LYS A 58 3.37 -8.19 -3.02
N GLN A 59 4.68 -8.34 -3.14
CA GLN A 59 5.26 -9.58 -3.64
C GLN A 59 5.02 -10.73 -2.66
N SER A 60 5.14 -10.43 -1.37
CA SER A 60 4.94 -11.44 -0.34
C SER A 60 3.48 -11.92 -0.32
N TYR A 61 2.57 -11.03 0.01
CA TYR A 61 1.15 -11.36 0.06
C TYR A 61 0.76 -12.28 -1.11
N TRP A 62 1.13 -11.88 -2.31
CA TRP A 62 0.83 -12.65 -3.50
C TRP A 62 1.34 -14.08 -3.36
N ASN A 63 2.66 -14.23 -3.24
CA ASN A 63 3.27 -15.55 -3.10
C ASN A 63 2.55 -16.37 -2.03
N HIS A 64 2.64 -15.91 -0.79
CA HIS A 64 2.01 -16.60 0.33
C HIS A 64 1.21 -15.62 1.20
N GLY A 1 21.94 5.00 -3.56
CA GLY A 1 20.69 4.47 -4.06
C GLY A 1 19.70 5.55 -4.43
N SER A 2 18.57 5.56 -3.74
CA SER A 2 17.53 6.56 -3.99
C SER A 2 18.14 7.92 -4.28
N SER A 3 17.47 8.69 -5.14
CA SER A 3 17.96 10.02 -5.51
C SER A 3 17.37 11.08 -4.58
N GLY A 4 18.00 12.26 -4.59
CA GLY A 4 17.52 13.34 -3.75
C GLY A 4 16.15 13.84 -4.15
N SER A 5 15.11 13.23 -3.59
CA SER A 5 13.74 13.61 -3.89
C SER A 5 12.83 13.40 -2.69
N SER A 6 11.82 14.26 -2.56
CA SER A 6 10.89 14.17 -1.45
C SER A 6 9.52 13.69 -1.92
N GLY A 7 8.93 12.75 -1.18
CA GLY A 7 7.64 12.22 -1.54
C GLY A 7 6.81 11.82 -0.33
N LYS A 8 6.72 10.51 -0.09
CA LYS A 8 5.97 9.98 1.03
C LYS A 8 6.82 9.98 2.30
N PRO A 9 6.15 10.01 3.47
CA PRO A 9 6.83 10.01 4.76
C PRO A 9 7.50 8.67 5.07
N GLU A 10 8.39 8.67 6.06
CA GLU A 10 9.10 7.46 6.45
C GLU A 10 8.39 6.77 7.60
N TRP A 11 8.02 7.55 8.61
CA TRP A 11 7.33 7.01 9.78
C TRP A 11 6.17 6.11 9.38
N MET A 12 5.61 6.37 8.20
CA MET A 12 4.50 5.59 7.69
C MET A 12 4.96 4.19 7.28
N MET A 13 4.45 3.17 7.97
CA MET A 13 4.82 1.79 7.67
C MET A 13 3.60 1.00 7.19
N ILE A 14 3.85 -0.18 6.65
CA ILE A 14 2.77 -1.04 6.16
C ILE A 14 2.69 -2.33 6.97
N HIS A 15 1.81 -2.33 7.98
CA HIS A 15 1.63 -3.51 8.83
C HIS A 15 1.59 -4.78 7.98
N ARG A 16 0.55 -4.91 7.17
CA ARG A 16 0.40 -6.08 6.32
C ARG A 16 -0.70 -5.86 5.28
N ILE A 17 -0.59 -6.54 4.15
CA ILE A 17 -1.57 -6.42 3.08
C ILE A 17 -2.88 -7.10 3.46
N LEU A 18 -3.87 -6.31 3.86
CA LEU A 18 -5.16 -6.84 4.25
C LEU A 18 -5.82 -7.58 3.09
N ASN A 19 -5.85 -6.94 1.92
CA ASN A 19 -6.45 -7.54 0.73
C ASN A 19 -6.08 -6.75 -0.52
N HIS A 20 -6.61 -7.17 -1.66
CA HIS A 20 -6.34 -6.51 -2.93
C HIS A 20 -7.61 -6.37 -3.75
N SER A 21 -7.61 -5.43 -4.70
CA SER A 21 -8.77 -5.20 -5.56
C SER A 21 -8.36 -4.46 -6.82
N VAL A 22 -8.86 -4.93 -7.97
CA VAL A 22 -8.55 -4.31 -9.24
C VAL A 22 -9.75 -3.54 -9.78
N ASP A 23 -9.60 -2.23 -9.88
CA ASP A 23 -10.66 -1.36 -10.38
C ASP A 23 -10.93 -1.63 -11.86
N LYS A 24 -11.90 -0.92 -12.42
CA LYS A 24 -12.26 -1.08 -13.83
C LYS A 24 -11.08 -0.74 -14.72
N LYS A 25 -10.42 0.37 -14.45
CA LYS A 25 -9.27 0.81 -15.23
C LYS A 25 -8.29 -0.34 -15.44
N GLY A 26 -8.03 -1.09 -14.37
CA GLY A 26 -7.12 -2.22 -14.45
C GLY A 26 -6.01 -2.14 -13.42
N HIS A 27 -5.75 -0.93 -12.93
CA HIS A 27 -4.72 -0.73 -11.92
C HIS A 27 -5.06 -1.46 -10.63
N VAL A 28 -4.29 -2.50 -10.32
CA VAL A 28 -4.51 -3.29 -9.11
C VAL A 28 -4.31 -2.43 -7.86
N HIS A 29 -5.15 -2.66 -6.85
CA HIS A 29 -5.06 -1.92 -5.59
C HIS A 29 -4.82 -2.86 -4.42
N TYR A 30 -4.13 -2.36 -3.40
CA TYR A 30 -3.81 -3.15 -2.22
C TYR A 30 -4.26 -2.43 -0.95
N LEU A 31 -5.12 -3.08 -0.17
CA LEU A 31 -5.61 -2.51 1.07
C LEU A 31 -4.50 -2.43 2.11
N ILE A 32 -3.78 -1.31 2.13
CA ILE A 32 -2.70 -1.11 3.07
C ILE A 32 -3.23 -0.73 4.45
N LYS A 33 -2.70 -1.36 5.48
CA LYS A 33 -3.12 -1.09 6.86
C LYS A 33 -2.02 -0.37 7.63
N TRP A 34 -2.10 0.97 7.66
CA TRP A 34 -1.11 1.77 8.37
C TRP A 34 -0.90 1.25 9.79
N ARG A 35 0.28 0.67 10.03
CA ARG A 35 0.60 0.13 11.35
C ARG A 35 0.06 1.03 12.46
N ASP A 36 0.42 2.31 12.39
CA ASP A 36 -0.04 3.27 13.39
C ASP A 36 -1.55 3.22 13.55
N LEU A 37 -2.27 3.38 12.44
CA LEU A 37 -3.72 3.35 12.45
C LEU A 37 -4.24 1.92 12.61
N PRO A 38 -5.45 1.79 13.19
CA PRO A 38 -6.08 0.49 13.41
C PRO A 38 -6.52 -0.16 12.10
N TYR A 39 -7.31 -1.24 12.22
CA TYR A 39 -7.80 -1.96 11.05
C TYR A 39 -9.01 -1.25 10.44
N ASP A 40 -9.86 -0.72 11.31
CA ASP A 40 -11.06 -0.03 10.86
C ASP A 40 -10.70 1.34 10.24
N GLN A 41 -9.43 1.70 10.34
CA GLN A 41 -8.96 2.96 9.80
C GLN A 41 -8.12 2.74 8.54
N ALA A 42 -7.89 1.47 8.20
CA ALA A 42 -7.12 1.13 7.02
C ALA A 42 -7.63 1.87 5.79
N SER A 43 -6.73 2.16 4.85
CA SER A 43 -7.09 2.87 3.64
C SER A 43 -6.60 2.10 2.41
N TRP A 44 -7.41 2.09 1.36
CA TRP A 44 -7.07 1.41 0.13
C TRP A 44 -6.08 2.23 -0.69
N GLU A 45 -4.97 1.61 -1.09
CA GLU A 45 -3.95 2.29 -1.88
C GLU A 45 -3.61 1.48 -3.13
N SER A 46 -3.66 2.15 -4.28
CA SER A 46 -3.37 1.50 -5.55
C SER A 46 -2.01 0.81 -5.50
N GLU A 47 -1.62 0.20 -6.62
CA GLU A 47 -0.34 -0.49 -6.71
C GLU A 47 0.74 0.43 -7.25
N ASP A 48 0.50 1.73 -7.18
CA ASP A 48 1.45 2.72 -7.66
C ASP A 48 2.06 3.51 -6.50
N VAL A 49 1.26 3.75 -5.47
CA VAL A 49 1.73 4.48 -4.30
C VAL A 49 3.12 4.03 -3.88
N GLU A 50 3.99 4.99 -3.60
CA GLU A 50 5.36 4.70 -3.19
C GLU A 50 5.48 4.70 -1.67
N ILE A 51 5.65 3.51 -1.10
CA ILE A 51 5.78 3.37 0.34
C ILE A 51 6.98 2.50 0.71
N GLN A 52 7.57 2.77 1.87
CA GLN A 52 8.72 2.01 2.33
C GLN A 52 8.51 0.51 2.14
N ASP A 53 9.42 -0.12 1.41
CA ASP A 53 9.34 -1.55 1.14
C ASP A 53 7.92 -1.94 0.74
N TYR A 54 7.30 -1.13 -0.12
CA TYR A 54 5.95 -1.39 -0.59
C TYR A 54 5.91 -2.61 -1.49
N ASP A 55 6.91 -2.73 -2.37
CA ASP A 55 7.00 -3.85 -3.29
C ASP A 55 7.15 -5.17 -2.54
N LEU A 56 8.08 -5.18 -1.59
CA LEU A 56 8.32 -6.38 -0.78
C LEU A 56 7.02 -7.02 -0.32
N PHE A 57 6.20 -6.23 0.37
CA PHE A 57 4.92 -6.71 0.87
C PHE A 57 4.07 -7.27 -0.27
N LYS A 58 3.84 -6.46 -1.28
CA LYS A 58 3.05 -6.88 -2.44
C LYS A 58 3.55 -8.20 -3.00
N GLN A 59 4.87 -8.36 -3.04
CA GLN A 59 5.48 -9.57 -3.54
C GLN A 59 5.18 -10.76 -2.63
N SER A 60 5.11 -10.50 -1.34
CA SER A 60 4.82 -11.53 -0.36
C SER A 60 3.38 -12.03 -0.49
N TYR A 61 2.44 -11.19 -0.10
CA TYR A 61 1.03 -11.54 -0.17
C TYR A 61 0.74 -12.39 -1.42
N TRP A 62 1.24 -11.93 -2.55
CA TRP A 62 1.04 -12.64 -3.81
C TRP A 62 1.50 -14.09 -3.70
N ASN A 63 2.75 -14.29 -3.31
CA ASN A 63 3.30 -15.63 -3.16
C ASN A 63 2.62 -16.37 -2.02
N HIS A 64 2.81 -15.88 -0.80
CA HIS A 64 2.21 -16.49 0.38
C HIS A 64 0.69 -16.53 0.26
N GLY A 1 -6.99 12.02 -3.55
CA GLY A 1 -6.56 13.02 -4.52
C GLY A 1 -5.06 13.07 -4.69
N SER A 2 -4.58 12.68 -5.87
CA SER A 2 -3.16 12.68 -6.16
C SER A 2 -2.73 14.00 -6.81
N SER A 3 -2.27 14.93 -5.97
CA SER A 3 -1.84 16.23 -6.47
C SER A 3 -0.98 16.94 -5.43
N GLY A 4 -0.01 17.72 -5.90
CA GLY A 4 0.87 18.45 -5.00
C GLY A 4 1.47 17.55 -3.93
N SER A 5 2.63 16.97 -4.23
CA SER A 5 3.29 16.09 -3.29
C SER A 5 4.68 15.71 -3.79
N SER A 6 5.64 15.65 -2.88
CA SER A 6 7.01 15.30 -3.24
C SER A 6 7.35 13.90 -2.76
N GLY A 7 6.43 12.97 -2.97
CA GLY A 7 6.65 11.59 -2.56
C GLY A 7 5.91 11.24 -1.28
N LYS A 8 6.23 10.08 -0.71
CA LYS A 8 5.60 9.63 0.52
C LYS A 8 6.55 9.76 1.71
N PRO A 9 5.98 9.90 2.92
CA PRO A 9 6.76 10.04 4.14
C PRO A 9 7.48 8.74 4.52
N GLU A 10 8.24 8.80 5.61
CA GLU A 10 8.98 7.63 6.07
C GLU A 10 8.32 7.01 7.29
N TRP A 11 7.92 7.85 8.23
CA TRP A 11 7.26 7.39 9.46
C TRP A 11 6.12 6.43 9.13
N MET A 12 5.52 6.61 7.95
CA MET A 12 4.42 5.75 7.53
C MET A 12 4.93 4.36 7.17
N MET A 13 4.27 3.34 7.69
CA MET A 13 4.65 1.96 7.42
C MET A 13 3.46 1.15 6.91
N ILE A 14 3.70 -0.10 6.57
CA ILE A 14 2.65 -0.98 6.06
C ILE A 14 2.56 -2.25 6.90
N HIS A 15 1.65 -2.25 7.87
CA HIS A 15 1.45 -3.40 8.75
C HIS A 15 1.43 -4.70 7.93
N ARG A 16 0.43 -4.83 7.06
CA ARG A 16 0.30 -6.01 6.22
C ARG A 16 -0.81 -5.82 5.19
N ILE A 17 -0.63 -6.44 4.02
CA ILE A 17 -1.62 -6.34 2.95
C ILE A 17 -2.91 -7.06 3.33
N LEU A 18 -3.89 -6.31 3.81
CA LEU A 18 -5.18 -6.87 4.21
C LEU A 18 -5.82 -7.63 3.05
N ASN A 19 -5.86 -6.98 1.89
CA ASN A 19 -6.45 -7.60 0.71
C ASN A 19 -6.12 -6.78 -0.55
N HIS A 20 -6.66 -7.21 -1.69
CA HIS A 20 -6.42 -6.51 -2.95
C HIS A 20 -7.72 -6.38 -3.74
N SER A 21 -7.75 -5.43 -4.66
CA SER A 21 -8.93 -5.19 -5.48
C SER A 21 -8.61 -4.27 -6.65
N VAL A 22 -8.87 -4.74 -7.87
CA VAL A 22 -8.60 -3.96 -9.07
C VAL A 22 -9.90 -3.44 -9.68
N ASP A 23 -10.10 -2.13 -9.59
CA ASP A 23 -11.30 -1.50 -10.14
C ASP A 23 -11.33 -1.61 -11.65
N LYS A 24 -12.40 -1.12 -12.27
CA LYS A 24 -12.56 -1.16 -13.71
C LYS A 24 -11.33 -0.57 -14.41
N LYS A 25 -10.85 0.56 -13.89
CA LYS A 25 -9.69 1.22 -14.45
C LYS A 25 -8.62 0.21 -14.85
N GLY A 26 -8.52 -0.87 -14.08
CA GLY A 26 -7.53 -1.89 -14.35
C GLY A 26 -6.32 -1.80 -13.45
N HIS A 27 -6.30 -0.79 -12.59
CA HIS A 27 -5.20 -0.59 -11.67
C HIS A 27 -5.40 -1.38 -10.39
N VAL A 28 -4.55 -2.38 -10.17
CA VAL A 28 -4.65 -3.22 -8.99
C VAL A 28 -4.36 -2.42 -7.71
N HIS A 29 -5.28 -2.49 -6.75
CA HIS A 29 -5.12 -1.77 -5.50
C HIS A 29 -4.94 -2.74 -4.33
N TYR A 30 -4.10 -2.36 -3.38
CA TYR A 30 -3.83 -3.19 -2.22
C TYR A 30 -4.27 -2.49 -0.93
N LEU A 31 -5.17 -3.12 -0.19
CA LEU A 31 -5.66 -2.56 1.06
C LEU A 31 -4.54 -2.44 2.09
N ILE A 32 -3.83 -1.33 2.06
CA ILE A 32 -2.73 -1.09 2.99
C ILE A 32 -3.24 -0.70 4.36
N LYS A 33 -2.75 -1.36 5.39
CA LYS A 33 -3.16 -1.08 6.77
C LYS A 33 -2.06 -0.32 7.51
N TRP A 34 -2.16 1.01 7.49
CA TRP A 34 -1.18 1.85 8.17
C TRP A 34 -0.96 1.38 9.61
N ARG A 35 0.17 0.72 9.84
CA ARG A 35 0.50 0.22 11.17
C ARG A 35 -0.02 1.16 12.25
N ASP A 36 0.45 2.41 12.21
CA ASP A 36 0.03 3.41 13.19
C ASP A 36 -1.48 3.40 13.38
N LEU A 37 -2.21 3.56 12.28
CA LEU A 37 -3.67 3.56 12.32
C LEU A 37 -4.21 2.16 12.52
N PRO A 38 -5.40 2.05 13.13
CA PRO A 38 -6.06 0.77 13.38
C PRO A 38 -6.54 0.10 12.10
N TYR A 39 -7.32 -0.96 12.25
CA TYR A 39 -7.85 -1.69 11.11
C TYR A 39 -9.07 -0.98 10.53
N ASP A 40 -9.80 -0.26 11.39
CA ASP A 40 -10.98 0.47 10.96
C ASP A 40 -10.61 1.78 10.28
N GLN A 41 -9.31 2.09 10.28
CA GLN A 41 -8.82 3.31 9.67
C GLN A 41 -8.07 3.01 8.38
N ALA A 42 -7.82 1.74 8.13
CA ALA A 42 -7.12 1.32 6.92
C ALA A 42 -7.66 2.04 5.69
N SER A 43 -6.79 2.29 4.73
CA SER A 43 -7.18 2.98 3.49
C SER A 43 -6.75 2.19 2.26
N TRP A 44 -7.56 2.22 1.22
CA TRP A 44 -7.27 1.51 -0.01
C TRP A 44 -6.26 2.29 -0.85
N GLU A 45 -5.12 1.65 -1.13
CA GLU A 45 -4.07 2.28 -1.92
C GLU A 45 -3.80 1.49 -3.19
N SER A 46 -3.46 2.20 -4.27
CA SER A 46 -3.18 1.56 -5.54
C SER A 46 -1.84 0.81 -5.50
N GLU A 47 -1.48 0.19 -6.61
CA GLU A 47 -0.22 -0.56 -6.70
C GLU A 47 0.90 0.34 -7.18
N ASP A 48 0.56 1.57 -7.55
CA ASP A 48 1.55 2.53 -8.02
C ASP A 48 2.16 3.31 -6.86
N VAL A 49 1.41 3.43 -5.78
CA VAL A 49 1.88 4.16 -4.60
C VAL A 49 3.25 3.67 -4.16
N GLU A 50 4.11 4.61 -3.78
CA GLU A 50 5.47 4.26 -3.34
C GLU A 50 5.59 4.37 -1.83
N ILE A 51 5.67 3.21 -1.16
CA ILE A 51 5.79 3.18 0.29
C ILE A 51 6.97 2.31 0.72
N GLN A 52 7.41 2.49 1.97
CA GLN A 52 8.53 1.73 2.51
C GLN A 52 8.36 0.24 2.21
N ASP A 53 9.39 -0.36 1.64
CA ASP A 53 9.36 -1.78 1.30
C ASP A 53 7.98 -2.20 0.82
N TYR A 54 7.36 -1.34 0.02
CA TYR A 54 6.03 -1.62 -0.52
C TYR A 54 6.07 -2.77 -1.51
N ASP A 55 7.11 -2.80 -2.33
CA ASP A 55 7.27 -3.86 -3.32
C ASP A 55 7.40 -5.22 -2.66
N LEU A 56 8.07 -5.26 -1.51
CA LEU A 56 8.26 -6.49 -0.77
C LEU A 56 6.91 -7.07 -0.32
N PHE A 57 6.13 -6.25 0.38
CA PHE A 57 4.82 -6.69 0.86
C PHE A 57 3.98 -7.27 -0.27
N LYS A 58 3.83 -6.50 -1.34
CA LYS A 58 3.05 -6.93 -2.50
C LYS A 58 3.55 -8.28 -3.01
N GLN A 59 4.87 -8.43 -3.08
CA GLN A 59 5.47 -9.67 -3.56
C GLN A 59 5.17 -10.82 -2.60
N SER A 60 5.30 -10.55 -1.30
CA SER A 60 5.05 -11.57 -0.28
C SER A 60 3.60 -12.06 -0.36
N TYR A 61 2.66 -11.18 -0.06
CA TYR A 61 1.24 -11.52 -0.10
C TYR A 61 0.94 -12.45 -1.27
N TRP A 62 1.35 -12.02 -2.47
CA TRP A 62 1.11 -12.81 -3.68
C TRP A 62 1.65 -14.23 -3.51
N ASN A 63 2.97 -14.35 -3.41
CA ASN A 63 3.61 -15.65 -3.25
C ASN A 63 2.85 -16.50 -2.24
N HIS A 64 2.55 -15.93 -1.08
CA HIS A 64 1.83 -16.64 -0.03
C HIS A 64 0.44 -16.04 0.18
N GLY A 1 18.43 5.83 -3.31
CA GLY A 1 17.01 6.10 -3.26
C GLY A 1 16.69 7.31 -2.40
N SER A 2 17.06 8.49 -2.87
CA SER A 2 16.81 9.73 -2.15
C SER A 2 15.32 10.01 -2.05
N SER A 3 14.72 9.63 -0.92
CA SER A 3 13.29 9.84 -0.71
C SER A 3 12.97 11.33 -0.63
N GLY A 4 13.62 12.02 0.30
CA GLY A 4 13.39 13.44 0.47
C GLY A 4 12.05 13.74 1.10
N SER A 5 11.83 15.01 1.43
CA SER A 5 10.58 15.42 2.07
C SER A 5 9.50 15.71 1.01
N SER A 6 9.44 14.86 0.00
CA SER A 6 8.46 15.02 -1.07
C SER A 6 7.69 13.72 -1.31
N GLY A 7 6.57 13.81 -2.02
CA GLY A 7 5.76 12.64 -2.29
C GLY A 7 5.04 12.13 -1.06
N LYS A 8 5.44 10.95 -0.59
CA LYS A 8 4.82 10.35 0.58
C LYS A 8 5.75 10.43 1.78
N PRO A 9 5.16 10.46 2.98
CA PRO A 9 5.92 10.53 4.24
C PRO A 9 6.69 9.25 4.53
N GLU A 10 7.52 9.29 5.56
CA GLU A 10 8.32 8.13 5.94
C GLU A 10 7.70 7.42 7.15
N TRP A 11 7.29 8.19 8.14
CA TRP A 11 6.68 7.64 9.35
C TRP A 11 5.60 6.63 8.99
N MET A 12 4.96 6.84 7.84
CA MET A 12 3.90 5.94 7.39
C MET A 12 4.46 4.57 7.01
N MET A 13 4.05 3.55 7.74
CA MET A 13 4.52 2.19 7.48
C MET A 13 3.37 1.31 7.00
N ILE A 14 3.70 0.08 6.63
CA ILE A 14 2.70 -0.87 6.15
C ILE A 14 2.68 -2.13 7.00
N HIS A 15 1.72 -2.21 7.92
CA HIS A 15 1.59 -3.37 8.80
C HIS A 15 1.55 -4.66 7.98
N ARG A 16 0.55 -4.78 7.11
CA ARG A 16 0.40 -5.97 6.28
C ARG A 16 -0.75 -5.80 5.29
N ILE A 17 -0.57 -6.31 4.08
CA ILE A 17 -1.59 -6.22 3.06
C ILE A 17 -2.89 -6.89 3.51
N LEU A 18 -3.86 -6.06 3.87
CA LEU A 18 -5.16 -6.57 4.32
C LEU A 18 -5.88 -7.30 3.19
N ASN A 19 -5.87 -6.70 2.00
CA ASN A 19 -6.52 -7.30 0.85
C ASN A 19 -6.13 -6.57 -0.43
N HIS A 20 -6.59 -7.08 -1.57
CA HIS A 20 -6.29 -6.48 -2.86
C HIS A 20 -7.51 -6.46 -3.76
N SER A 21 -7.52 -5.56 -4.74
CA SER A 21 -8.65 -5.42 -5.65
C SER A 21 -8.26 -4.58 -6.86
N VAL A 22 -8.62 -5.05 -8.05
CA VAL A 22 -8.31 -4.34 -9.28
C VAL A 22 -9.49 -3.48 -9.73
N ASP A 23 -9.27 -2.17 -9.81
CA ASP A 23 -10.32 -1.25 -10.22
C ASP A 23 -10.74 -1.52 -11.66
N LYS A 24 -11.78 -0.81 -12.11
CA LYS A 24 -12.29 -0.98 -13.47
C LYS A 24 -11.23 -0.59 -14.49
N LYS A 25 -10.53 0.51 -14.24
CA LYS A 25 -9.49 0.99 -15.14
C LYS A 25 -8.48 -0.11 -15.42
N GLY A 26 -8.10 -0.85 -14.38
CA GLY A 26 -7.13 -1.92 -14.53
C GLY A 26 -6.00 -1.85 -13.53
N HIS A 27 -5.94 -0.73 -12.79
CA HIS A 27 -4.90 -0.54 -11.79
C HIS A 27 -5.18 -1.38 -10.56
N VAL A 28 -4.24 -2.28 -10.24
CA VAL A 28 -4.38 -3.15 -9.07
C VAL A 28 -4.18 -2.37 -7.78
N HIS A 29 -5.13 -2.51 -6.86
CA HIS A 29 -5.06 -1.82 -5.58
C HIS A 29 -4.82 -2.81 -4.44
N TYR A 30 -4.08 -2.38 -3.43
CA TYR A 30 -3.78 -3.23 -2.29
C TYR A 30 -4.14 -2.54 -0.98
N LEU A 31 -5.17 -3.03 -0.32
CA LEU A 31 -5.62 -2.46 0.95
C LEU A 31 -4.49 -2.42 1.96
N ILE A 32 -3.74 -1.32 1.98
CA ILE A 32 -2.63 -1.16 2.90
C ILE A 32 -3.12 -0.93 4.32
N LYS A 33 -2.37 -1.43 5.30
CA LYS A 33 -2.73 -1.26 6.69
C LYS A 33 -1.71 -0.40 7.42
N TRP A 34 -2.11 0.82 7.76
CA TRP A 34 -1.24 1.76 8.46
C TRP A 34 -0.95 1.28 9.87
N ARG A 35 0.23 0.68 10.07
CA ARG A 35 0.62 0.17 11.37
C ARG A 35 0.06 1.05 12.49
N ASP A 36 0.34 2.34 12.42
CA ASP A 36 -0.13 3.29 13.42
C ASP A 36 -1.64 3.15 13.63
N LEU A 37 -2.39 3.26 12.53
CA LEU A 37 -3.84 3.15 12.58
C LEU A 37 -4.27 1.70 12.69
N PRO A 38 -5.45 1.46 13.30
CA PRO A 38 -6.00 0.12 13.49
C PRO A 38 -6.46 -0.50 12.17
N TYR A 39 -6.98 -1.72 12.25
CA TYR A 39 -7.46 -2.42 11.06
C TYR A 39 -8.71 -1.76 10.49
N ASP A 40 -9.58 -1.29 11.38
CA ASP A 40 -10.81 -0.64 10.97
C ASP A 40 -10.53 0.72 10.35
N GLN A 41 -9.28 1.19 10.50
CA GLN A 41 -8.88 2.48 9.95
C GLN A 41 -8.13 2.30 8.64
N ALA A 42 -7.73 1.06 8.35
CA ALA A 42 -7.01 0.76 7.12
C ALA A 42 -7.61 1.49 5.93
N SER A 43 -6.77 1.84 4.96
CA SER A 43 -7.22 2.55 3.77
C SER A 43 -6.72 1.86 2.51
N TRP A 44 -7.49 2.00 1.42
CA TRP A 44 -7.12 1.39 0.15
C TRP A 44 -6.14 2.28 -0.61
N GLU A 45 -5.01 1.71 -1.00
CA GLU A 45 -4.00 2.46 -1.74
C GLU A 45 -3.59 1.70 -3.01
N SER A 46 -3.79 2.35 -4.16
CA SER A 46 -3.46 1.75 -5.44
C SER A 46 -2.01 1.25 -5.44
N GLU A 47 -1.61 0.62 -6.54
CA GLU A 47 -0.26 0.09 -6.67
C GLU A 47 0.66 1.13 -7.31
N ASP A 48 0.25 2.39 -7.27
CA ASP A 48 1.04 3.47 -7.84
C ASP A 48 1.74 4.27 -6.75
N VAL A 49 1.04 4.45 -5.63
CA VAL A 49 1.60 5.20 -4.50
C VAL A 49 2.99 4.69 -4.14
N GLU A 50 3.80 5.57 -3.56
CA GLU A 50 5.17 5.21 -3.16
C GLU A 50 5.25 5.02 -1.66
N ILE A 51 5.63 3.82 -1.24
CA ILE A 51 5.76 3.50 0.18
C ILE A 51 6.98 2.63 0.44
N GLN A 52 7.62 2.83 1.59
CA GLN A 52 8.80 2.06 1.96
C GLN A 52 8.53 0.56 1.85
N ASP A 53 9.35 -0.13 1.09
CA ASP A 53 9.20 -1.57 0.89
C ASP A 53 7.77 -1.91 0.48
N TYR A 54 7.20 -1.09 -0.40
CA TYR A 54 5.83 -1.31 -0.87
C TYR A 54 5.76 -2.57 -1.72
N ASP A 55 6.75 -2.76 -2.58
CA ASP A 55 6.79 -3.93 -3.45
C ASP A 55 7.01 -5.21 -2.64
N LEU A 56 7.88 -5.12 -1.65
CA LEU A 56 8.20 -6.26 -0.80
C LEU A 56 6.92 -6.94 -0.30
N PHE A 57 6.06 -6.17 0.34
CA PHE A 57 4.80 -6.68 0.87
C PHE A 57 4.01 -7.38 -0.23
N LYS A 58 3.65 -6.63 -1.27
CA LYS A 58 2.89 -7.18 -2.38
C LYS A 58 3.54 -8.45 -2.91
N GLN A 59 4.86 -8.46 -2.95
CA GLN A 59 5.61 -9.62 -3.44
C GLN A 59 5.35 -10.85 -2.56
N SER A 60 5.13 -10.61 -1.26
CA SER A 60 4.88 -11.69 -0.32
C SER A 60 3.44 -12.16 -0.42
N TYR A 61 2.50 -11.31 -0.02
CA TYR A 61 1.09 -11.64 -0.06
C TYR A 61 0.76 -12.47 -1.29
N TRP A 62 1.33 -12.09 -2.43
CA TRP A 62 1.11 -12.80 -3.68
C TRP A 62 1.56 -14.24 -3.58
N ASN A 63 2.87 -14.44 -3.42
CA ASN A 63 3.44 -15.78 -3.31
C ASN A 63 2.61 -16.64 -2.35
N HIS A 64 2.30 -16.09 -1.19
CA HIS A 64 1.52 -16.81 -0.19
C HIS A 64 0.02 -16.65 -0.45
N GLY A 1 9.14 4.76 -15.62
CA GLY A 1 8.88 5.29 -14.29
C GLY A 1 7.42 5.21 -13.91
N SER A 2 6.92 6.26 -13.26
CA SER A 2 5.53 6.29 -12.83
C SER A 2 4.94 7.68 -13.04
N SER A 3 3.61 7.76 -13.03
CA SER A 3 2.91 9.03 -13.22
C SER A 3 2.44 9.60 -11.89
N GLY A 4 2.38 10.93 -11.80
CA GLY A 4 1.94 11.56 -10.58
C GLY A 4 3.08 12.21 -9.81
N SER A 5 2.75 13.18 -8.97
CA SER A 5 3.76 13.88 -8.18
C SER A 5 3.62 13.53 -6.70
N SER A 6 2.43 13.72 -6.16
CA SER A 6 2.18 13.44 -4.75
C SER A 6 2.91 12.17 -4.31
N GLY A 7 3.83 12.33 -3.37
CA GLY A 7 4.59 11.19 -2.89
C GLY A 7 4.05 10.64 -1.58
N LYS A 8 4.34 9.38 -1.29
CA LYS A 8 3.88 8.74 -0.07
C LYS A 8 4.93 8.85 1.04
N PRO A 9 4.47 8.86 2.30
CA PRO A 9 5.35 8.96 3.47
C PRO A 9 6.18 7.69 3.67
N GLU A 10 7.49 7.84 3.65
CA GLU A 10 8.40 6.71 3.83
C GLU A 10 8.25 6.12 5.22
N TRP A 11 8.36 6.98 6.24
CA TRP A 11 8.24 6.54 7.62
C TRP A 11 7.05 5.60 7.80
N MET A 12 5.90 6.01 7.26
CA MET A 12 4.69 5.20 7.36
C MET A 12 5.02 3.72 7.28
N MET A 13 4.35 2.92 8.12
CA MET A 13 4.58 1.48 8.14
C MET A 13 3.37 0.74 7.56
N ILE A 14 3.63 -0.37 6.89
CA ILE A 14 2.57 -1.17 6.29
C ILE A 14 2.38 -2.49 7.05
N HIS A 15 1.55 -2.45 8.09
CA HIS A 15 1.27 -3.64 8.89
C HIS A 15 1.27 -4.89 8.03
N ARG A 16 0.27 -4.99 7.15
CA ARG A 16 0.14 -6.15 6.27
C ARG A 16 -0.95 -5.92 5.23
N ILE A 17 -0.73 -6.44 4.02
CA ILE A 17 -1.69 -6.29 2.94
C ILE A 17 -3.00 -6.98 3.27
N LEU A 18 -3.96 -6.20 3.77
CA LEU A 18 -5.27 -6.74 4.13
C LEU A 18 -5.89 -7.51 2.97
N ASN A 19 -5.96 -6.85 1.81
CA ASN A 19 -6.52 -7.47 0.62
C ASN A 19 -6.17 -6.68 -0.63
N HIS A 20 -6.69 -7.10 -1.77
CA HIS A 20 -6.42 -6.44 -3.05
C HIS A 20 -7.70 -6.32 -3.87
N SER A 21 -7.79 -5.25 -4.67
CA SER A 21 -8.96 -5.02 -5.51
C SER A 21 -8.56 -4.35 -6.82
N VAL A 22 -8.89 -5.00 -7.93
CA VAL A 22 -8.56 -4.47 -9.25
C VAL A 22 -9.64 -3.51 -9.74
N ASP A 23 -9.43 -2.22 -9.51
CA ASP A 23 -10.38 -1.20 -9.92
C ASP A 23 -10.87 -1.46 -11.35
N LYS A 24 -12.09 -1.02 -11.64
CA LYS A 24 -12.68 -1.21 -12.96
C LYS A 24 -11.67 -0.87 -14.05
N LYS A 25 -10.92 0.22 -13.84
CA LYS A 25 -9.92 0.65 -14.82
C LYS A 25 -8.92 -0.47 -15.09
N GLY A 26 -8.57 -1.22 -14.04
CA GLY A 26 -7.61 -2.30 -14.19
C GLY A 26 -6.45 -2.19 -13.23
N HIS A 27 -6.29 -1.00 -12.63
CA HIS A 27 -5.20 -0.76 -11.69
C HIS A 27 -5.42 -1.56 -10.40
N VAL A 28 -4.54 -2.52 -10.17
CA VAL A 28 -4.64 -3.36 -8.97
C VAL A 28 -4.38 -2.53 -7.71
N HIS A 29 -5.30 -2.64 -6.75
CA HIS A 29 -5.17 -1.90 -5.50
C HIS A 29 -4.92 -2.85 -4.33
N TYR A 30 -4.17 -2.38 -3.35
CA TYR A 30 -3.85 -3.20 -2.18
C TYR A 30 -4.25 -2.48 -0.88
N LEU A 31 -5.21 -3.05 -0.17
CA LEU A 31 -5.68 -2.47 1.07
C LEU A 31 -4.57 -2.43 2.11
N ILE A 32 -3.88 -1.31 2.19
CA ILE A 32 -2.79 -1.14 3.15
C ILE A 32 -3.32 -0.78 4.54
N LYS A 33 -2.78 -1.45 5.56
CA LYS A 33 -3.21 -1.19 6.93
C LYS A 33 -2.09 -0.52 7.73
N TRP A 34 -2.14 0.80 7.82
CA TRP A 34 -1.13 1.56 8.55
C TRP A 34 -0.99 1.05 9.98
N ARG A 35 0.10 0.34 10.24
CA ARG A 35 0.34 -0.22 11.56
C ARG A 35 -0.19 0.72 12.65
N ASP A 36 0.27 1.96 12.62
CA ASP A 36 -0.16 2.96 13.60
C ASP A 36 -1.68 2.99 13.70
N LEU A 37 -2.35 3.08 12.56
CA LEU A 37 -3.80 3.13 12.52
C LEU A 37 -4.40 1.72 12.64
N PRO A 38 -5.61 1.65 13.19
CA PRO A 38 -6.33 0.37 13.36
C PRO A 38 -6.76 -0.24 12.04
N TYR A 39 -7.67 -1.20 12.12
CA TYR A 39 -8.17 -1.87 10.92
C TYR A 39 -9.37 -1.13 10.34
N ASP A 40 -10.08 -0.41 11.19
CA ASP A 40 -11.25 0.36 10.77
C ASP A 40 -10.83 1.67 10.10
N GLN A 41 -9.56 2.03 10.29
CA GLN A 41 -9.04 3.26 9.70
C GLN A 41 -8.27 2.98 8.42
N ALA A 42 -7.87 1.72 8.24
CA ALA A 42 -7.13 1.32 7.06
C ALA A 42 -7.64 2.05 5.82
N SER A 43 -6.74 2.27 4.86
CA SER A 43 -7.08 2.98 3.63
C SER A 43 -6.63 2.18 2.41
N TRP A 44 -7.40 2.30 1.33
CA TRP A 44 -7.07 1.59 0.09
C TRP A 44 -6.02 2.35 -0.72
N GLU A 45 -4.96 1.66 -1.09
CA GLU A 45 -3.88 2.26 -1.86
C GLU A 45 -3.58 1.45 -3.12
N SER A 46 -3.55 2.13 -4.27
CA SER A 46 -3.29 1.48 -5.53
C SER A 46 -1.94 0.76 -5.50
N GLU A 47 -1.59 0.14 -6.63
CA GLU A 47 -0.32 -0.59 -6.73
C GLU A 47 0.76 0.30 -7.35
N ASP A 48 0.50 1.60 -7.39
CA ASP A 48 1.46 2.55 -7.95
C ASP A 48 2.14 3.35 -6.84
N VAL A 49 1.48 3.46 -5.69
CA VAL A 49 2.02 4.19 -4.56
C VAL A 49 3.38 3.63 -4.14
N GLU A 50 4.27 4.50 -3.69
CA GLU A 50 5.60 4.09 -3.27
C GLU A 50 5.74 4.21 -1.74
N ILE A 51 5.66 3.07 -1.06
CA ILE A 51 5.78 3.04 0.38
C ILE A 51 6.97 2.20 0.82
N GLN A 52 7.48 2.48 2.02
CA GLN A 52 8.62 1.75 2.56
C GLN A 52 8.40 0.24 2.44
N ASP A 53 9.28 -0.42 1.71
CA ASP A 53 9.20 -1.86 1.52
C ASP A 53 7.82 -2.25 0.98
N TYR A 54 7.27 -1.41 0.11
CA TYR A 54 5.96 -1.66 -0.47
C TYR A 54 6.02 -2.84 -1.44
N ASP A 55 6.97 -2.80 -2.36
CA ASP A 55 7.13 -3.87 -3.35
C ASP A 55 7.28 -5.22 -2.65
N LEU A 56 8.02 -5.23 -1.55
CA LEU A 56 8.25 -6.46 -0.80
C LEU A 56 6.93 -7.07 -0.34
N PHE A 57 6.14 -6.28 0.37
CA PHE A 57 4.84 -6.74 0.86
C PHE A 57 3.99 -7.32 -0.27
N LYS A 58 3.78 -6.53 -1.31
CA LYS A 58 2.99 -6.97 -2.46
C LYS A 58 3.56 -8.25 -3.04
N GLN A 59 4.89 -8.31 -3.15
CA GLN A 59 5.55 -9.49 -3.69
C GLN A 59 5.38 -10.69 -2.77
N SER A 60 5.25 -10.42 -1.47
CA SER A 60 5.09 -11.49 -0.48
C SER A 60 3.66 -12.02 -0.50
N TYR A 61 2.72 -11.19 -0.06
CA TYR A 61 1.32 -11.58 0.00
C TYR A 61 0.97 -12.49 -1.18
N TRP A 62 1.31 -12.05 -2.38
CA TRP A 62 1.04 -12.82 -3.58
C TRP A 62 1.62 -14.23 -3.48
N ASN A 63 2.93 -14.32 -3.39
CA ASN A 63 3.61 -15.61 -3.28
C ASN A 63 2.97 -16.46 -2.20
N HIS A 64 3.03 -15.98 -0.95
CA HIS A 64 2.45 -16.70 0.18
C HIS A 64 1.08 -16.14 0.53
N GLY A 1 14.07 15.59 -10.55
CA GLY A 1 13.00 16.38 -9.96
C GLY A 1 13.39 17.84 -9.79
N SER A 2 13.43 18.58 -10.88
CA SER A 2 13.79 19.99 -10.85
C SER A 2 12.85 20.77 -9.95
N SER A 3 11.55 20.52 -10.10
CA SER A 3 10.53 21.20 -9.31
C SER A 3 10.11 20.34 -8.12
N GLY A 4 9.59 20.99 -7.09
CA GLY A 4 9.14 20.27 -5.91
C GLY A 4 8.24 19.10 -6.25
N SER A 5 8.25 18.08 -5.39
CA SER A 5 7.43 16.89 -5.61
C SER A 5 6.92 16.34 -4.28
N SER A 6 5.63 15.97 -4.25
CA SER A 6 5.02 15.42 -3.05
C SER A 6 4.37 14.09 -3.33
N GLY A 7 5.11 13.00 -3.11
CA GLY A 7 4.57 11.67 -3.35
C GLY A 7 3.96 11.06 -2.11
N LYS A 8 4.79 10.40 -1.30
CA LYS A 8 4.31 9.77 -0.07
C LYS A 8 5.32 9.95 1.05
N PRO A 9 4.83 9.95 2.30
CA PRO A 9 5.67 10.11 3.48
C PRO A 9 6.55 8.89 3.74
N GLU A 10 7.59 9.08 4.56
CA GLU A 10 8.51 8.00 4.87
C GLU A 10 8.14 7.35 6.21
N TRP A 11 7.63 8.16 7.13
CA TRP A 11 7.24 7.66 8.44
C TRP A 11 6.16 6.60 8.32
N MET A 12 5.25 6.79 7.37
CA MET A 12 4.15 5.84 7.15
C MET A 12 4.70 4.44 6.91
N MET A 13 4.08 3.45 7.56
CA MET A 13 4.51 2.06 7.41
C MET A 13 3.37 1.21 6.86
N ILE A 14 3.69 -0.04 6.51
CA ILE A 14 2.70 -0.96 5.97
C ILE A 14 2.58 -2.21 6.84
N HIS A 15 1.71 -2.15 7.83
CA HIS A 15 1.49 -3.27 8.73
C HIS A 15 1.45 -4.59 7.96
N ARG A 16 0.46 -4.73 7.10
CA ARG A 16 0.30 -5.94 6.29
C ARG A 16 -0.78 -5.76 5.24
N ILE A 17 -0.61 -6.41 4.10
CA ILE A 17 -1.57 -6.32 3.01
C ILE A 17 -2.86 -7.05 3.37
N LEU A 18 -3.87 -6.27 3.76
CA LEU A 18 -5.17 -6.84 4.12
C LEU A 18 -5.78 -7.61 2.95
N ASN A 19 -5.83 -6.98 1.79
CA ASN A 19 -6.39 -7.60 0.60
C ASN A 19 -6.03 -6.81 -0.65
N HIS A 20 -6.52 -7.27 -1.80
CA HIS A 20 -6.25 -6.59 -3.07
C HIS A 20 -7.52 -6.52 -3.92
N SER A 21 -7.65 -5.45 -4.70
CA SER A 21 -8.81 -5.26 -5.56
C SER A 21 -8.46 -4.43 -6.78
N VAL A 22 -9.09 -4.74 -7.91
CA VAL A 22 -8.84 -4.03 -9.16
C VAL A 22 -10.07 -3.25 -9.60
N ASP A 23 -9.90 -1.94 -9.77
CA ASP A 23 -11.01 -1.08 -10.19
C ASP A 23 -11.13 -1.07 -11.70
N LYS A 24 -12.06 -0.27 -12.21
CA LYS A 24 -12.30 -0.17 -13.64
C LYS A 24 -11.01 0.19 -14.38
N LYS A 25 -10.33 1.23 -13.90
CA LYS A 25 -9.09 1.68 -14.51
C LYS A 25 -8.18 0.49 -14.83
N GLY A 26 -8.33 -0.58 -14.07
CA GLY A 26 -7.53 -1.77 -14.29
C GLY A 26 -6.26 -1.77 -13.47
N HIS A 27 -6.14 -0.80 -12.57
CA HIS A 27 -4.96 -0.70 -11.71
C HIS A 27 -5.16 -1.47 -10.42
N VAL A 28 -4.34 -2.51 -10.23
CA VAL A 28 -4.42 -3.33 -9.03
C VAL A 28 -4.22 -2.50 -7.77
N HIS A 29 -5.10 -2.69 -6.79
CA HIS A 29 -5.00 -1.97 -5.54
C HIS A 29 -4.75 -2.91 -4.37
N TYR A 30 -4.13 -2.40 -3.31
CA TYR A 30 -3.83 -3.21 -2.14
C TYR A 30 -4.26 -2.49 -0.86
N LEU A 31 -5.18 -3.12 -0.13
CA LEU A 31 -5.69 -2.55 1.11
C LEU A 31 -4.57 -2.43 2.15
N ILE A 32 -3.85 -1.31 2.10
CA ILE A 32 -2.76 -1.06 3.04
C ILE A 32 -3.30 -0.66 4.41
N LYS A 33 -2.81 -1.32 5.45
CA LYS A 33 -3.23 -1.02 6.81
C LYS A 33 -2.14 -0.28 7.57
N TRP A 34 -2.23 1.04 7.59
CA TRP A 34 -1.26 1.87 8.29
C TRP A 34 -1.04 1.38 9.71
N ARG A 35 0.10 0.75 9.95
CA ARG A 35 0.42 0.23 11.28
C ARG A 35 -0.14 1.14 12.37
N ASP A 36 0.46 2.32 12.50
CA ASP A 36 0.02 3.29 13.50
C ASP A 36 -1.50 3.25 13.67
N LEU A 37 -2.21 3.50 12.58
CA LEU A 37 -3.66 3.49 12.61
C LEU A 37 -4.21 2.08 12.79
N PRO A 38 -5.40 1.97 13.37
CA PRO A 38 -6.06 0.68 13.63
C PRO A 38 -6.52 0.01 12.33
N TYR A 39 -7.33 -1.03 12.47
CA TYR A 39 -7.84 -1.76 11.32
C TYR A 39 -9.08 -1.08 10.74
N ASP A 40 -9.79 -0.36 11.59
CA ASP A 40 -11.00 0.34 11.16
C ASP A 40 -10.65 1.69 10.54
N GLN A 41 -9.36 2.02 10.53
CA GLN A 41 -8.90 3.28 9.97
C GLN A 41 -8.09 3.04 8.69
N ALA A 42 -7.85 1.77 8.39
CA ALA A 42 -7.10 1.40 7.19
C ALA A 42 -7.65 2.12 5.96
N SER A 43 -6.84 2.19 4.91
CA SER A 43 -7.24 2.85 3.67
C SER A 43 -6.66 2.13 2.46
N TRP A 44 -7.45 2.05 1.39
CA TRP A 44 -7.01 1.38 0.17
C TRP A 44 -5.95 2.22 -0.56
N GLU A 45 -5.01 1.54 -1.21
CA GLU A 45 -3.95 2.21 -1.94
C GLU A 45 -3.59 1.44 -3.21
N SER A 46 -3.59 2.14 -4.34
CA SER A 46 -3.26 1.51 -5.61
C SER A 46 -1.85 0.93 -5.58
N GLU A 47 -1.54 0.12 -6.58
CA GLU A 47 -0.23 -0.52 -6.68
C GLU A 47 0.81 0.46 -7.21
N ASP A 48 0.41 1.71 -7.36
CA ASP A 48 1.31 2.75 -7.86
C ASP A 48 1.93 3.54 -6.72
N VAL A 49 1.20 3.63 -5.61
CA VAL A 49 1.69 4.35 -4.43
C VAL A 49 3.10 3.92 -4.06
N GLU A 50 3.95 4.89 -3.76
CA GLU A 50 5.33 4.61 -3.38
C GLU A 50 5.50 4.61 -1.86
N ILE A 51 5.67 3.42 -1.29
CA ILE A 51 5.84 3.29 0.15
C ILE A 51 7.06 2.44 0.49
N GLN A 52 7.66 2.71 1.64
CA GLN A 52 8.83 1.98 2.08
C GLN A 52 8.63 0.47 1.92
N ASP A 53 9.51 -0.17 1.15
CA ASP A 53 9.43 -1.61 0.93
C ASP A 53 8.01 -2.01 0.51
N TYR A 54 7.37 -1.16 -0.28
CA TYR A 54 6.01 -1.42 -0.75
C TYR A 54 5.98 -2.67 -1.63
N ASP A 55 6.96 -2.81 -2.49
CA ASP A 55 7.04 -3.96 -3.39
C ASP A 55 7.18 -5.26 -2.59
N LEU A 56 8.00 -5.22 -1.55
CA LEU A 56 8.23 -6.39 -0.71
C LEU A 56 6.90 -7.00 -0.26
N PHE A 57 6.10 -6.21 0.44
CA PHE A 57 4.80 -6.66 0.93
C PHE A 57 3.97 -7.25 -0.21
N LYS A 58 3.84 -6.48 -1.28
CA LYS A 58 3.06 -6.91 -2.45
C LYS A 58 3.58 -8.25 -2.96
N GLN A 59 4.90 -8.42 -2.98
CA GLN A 59 5.52 -9.65 -3.45
C GLN A 59 5.22 -10.80 -2.50
N SER A 60 5.23 -10.52 -1.20
CA SER A 60 4.96 -11.53 -0.19
C SER A 60 3.52 -12.00 -0.26
N TYR A 61 2.59 -11.07 -0.05
CA TYR A 61 1.17 -11.39 -0.08
C TYR A 61 0.83 -12.24 -1.30
N TRP A 62 1.35 -11.84 -2.45
CA TRP A 62 1.11 -12.56 -3.70
C TRP A 62 1.49 -14.03 -3.56
N ASN A 63 2.79 -14.30 -3.43
CA ASN A 63 3.29 -15.66 -3.29
C ASN A 63 2.36 -16.48 -2.41
N HIS A 64 2.16 -16.02 -1.17
CA HIS A 64 1.30 -16.71 -0.22
C HIS A 64 -0.15 -16.25 -0.37
N GLY A 1 16.15 5.32 -4.22
CA GLY A 1 15.73 6.12 -3.09
C GLY A 1 15.31 7.52 -3.51
N SER A 2 15.75 8.51 -2.73
CA SER A 2 15.41 9.90 -3.02
C SER A 2 16.27 10.86 -2.18
N SER A 3 16.96 11.76 -2.85
CA SER A 3 17.82 12.72 -2.17
C SER A 3 17.01 13.59 -1.22
N GLY A 4 15.94 14.19 -1.73
CA GLY A 4 15.10 15.05 -0.92
C GLY A 4 13.71 14.47 -0.71
N SER A 5 12.88 15.18 0.04
CA SER A 5 11.52 14.72 0.31
C SER A 5 10.52 15.43 -0.59
N SER A 6 10.20 14.81 -1.72
CA SER A 6 9.26 15.37 -2.68
C SER A 6 8.15 14.39 -3.00
N GLY A 7 7.62 13.75 -1.96
CA GLY A 7 6.55 12.78 -2.15
C GLY A 7 6.04 12.23 -0.84
N LYS A 8 5.46 11.03 -0.89
CA LYS A 8 4.93 10.39 0.30
C LYS A 8 5.90 10.48 1.46
N PRO A 9 5.37 10.50 2.69
CA PRO A 9 6.19 10.59 3.91
C PRO A 9 6.99 9.31 4.17
N GLU A 10 7.84 9.36 5.17
CA GLU A 10 8.67 8.20 5.53
C GLU A 10 8.12 7.50 6.77
N TRP A 11 7.74 8.28 7.77
CA TRP A 11 7.21 7.73 9.01
C TRP A 11 6.12 6.70 8.72
N MET A 12 5.39 6.91 7.62
CA MET A 12 4.33 5.99 7.23
C MET A 12 4.88 4.63 6.87
N MET A 13 4.31 3.58 7.44
CA MET A 13 4.75 2.22 7.18
C MET A 13 3.58 1.34 6.73
N ILE A 14 3.87 0.08 6.43
CA ILE A 14 2.85 -0.85 5.98
C ILE A 14 2.80 -2.08 6.89
N HIS A 15 1.75 -2.17 7.69
CA HIS A 15 1.59 -3.30 8.61
C HIS A 15 1.51 -4.62 7.84
N ARG A 16 0.52 -4.72 6.96
CA ARG A 16 0.33 -5.93 6.17
C ARG A 16 -0.76 -5.73 5.12
N ILE A 17 -0.62 -6.41 3.98
CA ILE A 17 -1.59 -6.30 2.91
C ILE A 17 -2.89 -7.02 3.27
N LEU A 18 -3.90 -6.24 3.67
CA LEU A 18 -5.20 -6.79 4.04
C LEU A 18 -5.81 -7.57 2.88
N ASN A 19 -5.86 -6.93 1.71
CA ASN A 19 -6.42 -7.57 0.51
C ASN A 19 -6.06 -6.77 -0.74
N HIS A 20 -6.59 -7.22 -1.88
CA HIS A 20 -6.33 -6.54 -3.15
C HIS A 20 -7.59 -6.47 -3.99
N SER A 21 -7.69 -5.44 -4.82
CA SER A 21 -8.85 -5.25 -5.67
C SER A 21 -8.48 -4.46 -6.93
N VAL A 22 -8.87 -4.97 -8.09
CA VAL A 22 -8.59 -4.33 -9.36
C VAL A 22 -9.77 -3.49 -9.83
N ASP A 23 -9.68 -2.19 -9.61
CA ASP A 23 -10.75 -1.28 -10.02
C ASP A 23 -11.15 -1.52 -11.47
N LYS A 24 -12.18 -0.80 -11.93
CA LYS A 24 -12.66 -0.94 -13.29
C LYS A 24 -11.57 -0.58 -14.30
N LYS A 25 -10.90 0.55 -14.06
CA LYS A 25 -9.84 1.00 -14.96
C LYS A 25 -8.81 -0.10 -15.17
N GLY A 26 -8.59 -0.92 -14.14
CA GLY A 26 -7.64 -2.00 -14.25
C GLY A 26 -6.50 -1.86 -13.25
N HIS A 27 -6.29 -0.65 -12.75
CA HIS A 27 -5.23 -0.39 -11.79
C HIS A 27 -5.40 -1.24 -10.54
N VAL A 28 -4.46 -2.16 -10.31
CA VAL A 28 -4.52 -3.03 -9.15
C VAL A 28 -4.34 -2.24 -7.86
N HIS A 29 -5.23 -2.49 -6.89
CA HIS A 29 -5.18 -1.80 -5.61
C HIS A 29 -4.90 -2.79 -4.48
N TYR A 30 -4.20 -2.31 -3.45
CA TYR A 30 -3.86 -3.15 -2.31
C TYR A 30 -4.24 -2.46 -1.00
N LEU A 31 -5.14 -3.08 -0.26
CA LEU A 31 -5.59 -2.53 1.02
C LEU A 31 -4.45 -2.50 2.03
N ILE A 32 -3.77 -1.37 2.12
CA ILE A 32 -2.65 -1.21 3.05
C ILE A 32 -3.14 -0.79 4.43
N LYS A 33 -2.65 -1.46 5.47
CA LYS A 33 -3.04 -1.15 6.83
C LYS A 33 -1.95 -0.33 7.53
N TRP A 34 -2.15 0.98 7.56
CA TRP A 34 -1.18 1.88 8.20
C TRP A 34 -0.87 1.42 9.62
N ARG A 35 0.31 0.82 9.79
CA ARG A 35 0.73 0.32 11.09
C ARG A 35 0.20 1.23 12.21
N ASP A 36 0.48 2.52 12.10
CA ASP A 36 0.03 3.49 13.10
C ASP A 36 -1.46 3.33 13.36
N LEU A 37 -2.24 3.19 12.30
CA LEU A 37 -3.69 3.05 12.42
C LEU A 37 -4.07 1.58 12.53
N PRO A 38 -5.22 1.32 13.19
CA PRO A 38 -5.72 -0.04 13.38
C PRO A 38 -6.21 -0.66 12.08
N TYR A 39 -6.88 -1.81 12.19
CA TYR A 39 -7.41 -2.51 11.03
C TYR A 39 -8.73 -1.89 10.58
N ASP A 40 -9.46 -1.32 11.52
CA ASP A 40 -10.75 -0.68 11.22
C ASP A 40 -10.54 0.72 10.66
N GLN A 41 -9.27 1.12 10.53
CA GLN A 41 -8.95 2.44 10.00
C GLN A 41 -8.14 2.33 8.72
N ALA A 42 -7.79 1.10 8.35
CA ALA A 42 -7.01 0.86 7.13
C ALA A 42 -7.57 1.67 5.96
N SER A 43 -6.69 1.99 5.01
CA SER A 43 -7.09 2.76 3.84
C SER A 43 -6.62 2.09 2.55
N TRP A 44 -7.46 2.14 1.52
CA TRP A 44 -7.12 1.54 0.24
C TRP A 44 -6.10 2.38 -0.52
N GLU A 45 -4.99 1.76 -0.88
CA GLU A 45 -3.94 2.46 -1.61
C GLU A 45 -3.56 1.71 -2.88
N SER A 46 -3.76 2.35 -4.03
CA SER A 46 -3.44 1.74 -5.32
C SER A 46 -2.00 1.24 -5.34
N GLU A 47 -1.58 0.71 -6.49
CA GLU A 47 -0.23 0.21 -6.65
C GLU A 47 0.68 1.26 -7.28
N ASP A 48 0.19 2.49 -7.34
CA ASP A 48 0.95 3.58 -7.92
C ASP A 48 1.65 4.40 -6.83
N VAL A 49 1.07 4.38 -5.63
CA VAL A 49 1.63 5.12 -4.51
C VAL A 49 3.01 4.59 -4.14
N GLU A 50 3.92 5.51 -3.80
CA GLU A 50 5.27 5.13 -3.43
C GLU A 50 5.42 5.01 -1.91
N ILE A 51 5.64 3.79 -1.45
CA ILE A 51 5.79 3.54 -0.01
C ILE A 51 7.03 2.68 0.26
N GLN A 52 7.69 2.96 1.37
CA GLN A 52 8.88 2.22 1.76
C GLN A 52 8.61 0.71 1.74
N ASP A 53 9.40 -0.02 0.96
CA ASP A 53 9.24 -1.47 0.86
C ASP A 53 7.81 -1.84 0.48
N TYR A 54 7.25 -1.08 -0.46
CA TYR A 54 5.89 -1.32 -0.93
C TYR A 54 5.81 -2.60 -1.76
N ASP A 55 6.82 -2.79 -2.62
CA ASP A 55 6.86 -3.97 -3.48
C ASP A 55 7.09 -5.23 -2.65
N LEU A 56 7.93 -5.13 -1.64
CA LEU A 56 8.23 -6.27 -0.77
C LEU A 56 6.95 -6.93 -0.29
N PHE A 57 6.08 -6.16 0.35
CA PHE A 57 4.82 -6.68 0.86
C PHE A 57 4.04 -7.38 -0.25
N LYS A 58 3.69 -6.63 -1.29
CA LYS A 58 2.95 -7.17 -2.41
C LYS A 58 3.60 -8.46 -2.93
N GLN A 59 4.92 -8.47 -2.95
CA GLN A 59 5.67 -9.63 -3.42
C GLN A 59 5.36 -10.86 -2.56
N SER A 60 5.42 -10.68 -1.24
CA SER A 60 5.15 -11.78 -0.33
C SER A 60 3.68 -12.18 -0.37
N TYR A 61 2.80 -11.26 0.01
CA TYR A 61 1.37 -11.52 0.02
C TYR A 61 0.97 -12.40 -1.16
N TRP A 62 1.42 -12.03 -2.35
CA TRP A 62 1.11 -12.79 -3.56
C TRP A 62 1.47 -14.25 -3.38
N ASN A 63 2.73 -14.52 -3.04
CA ASN A 63 3.20 -15.88 -2.84
C ASN A 63 2.52 -16.52 -1.63
N HIS A 64 2.74 -15.95 -0.46
CA HIS A 64 2.14 -16.46 0.77
C HIS A 64 1.27 -15.40 1.44
N GLY A 1 -7.07 12.98 -15.21
CA GLY A 1 -5.84 13.74 -15.28
C GLY A 1 -4.73 13.13 -14.46
N SER A 2 -3.72 13.92 -14.14
CA SER A 2 -2.58 13.46 -13.35
C SER A 2 -2.61 14.05 -11.96
N SER A 3 -3.33 13.39 -11.05
CA SER A 3 -3.44 13.85 -9.67
C SER A 3 -2.56 13.01 -8.75
N GLY A 4 -2.40 13.49 -7.51
CA GLY A 4 -1.58 12.77 -6.55
C GLY A 4 -0.62 13.68 -5.80
N SER A 5 0.23 13.10 -4.98
CA SER A 5 1.20 13.86 -4.21
C SER A 5 2.60 13.71 -4.79
N SER A 6 3.44 14.73 -4.58
CA SER A 6 4.80 14.72 -5.09
C SER A 6 5.72 13.91 -4.17
N GLY A 7 5.22 12.77 -3.69
CA GLY A 7 6.00 11.93 -2.81
C GLY A 7 5.20 11.44 -1.62
N LYS A 8 5.81 10.55 -0.82
CA LYS A 8 5.14 10.00 0.35
C LYS A 8 6.04 10.10 1.57
N PRO A 9 5.42 10.15 2.77
CA PRO A 9 6.14 10.25 4.03
C PRO A 9 6.89 8.96 4.38
N GLU A 10 7.85 9.06 5.29
CA GLU A 10 8.64 7.91 5.70
C GLU A 10 8.03 7.24 6.92
N TRP A 11 7.63 8.05 7.90
CA TRP A 11 7.03 7.55 9.13
C TRP A 11 5.90 6.57 8.81
N MET A 12 5.28 6.74 7.65
CA MET A 12 4.19 5.88 7.24
C MET A 12 4.70 4.49 6.85
N MET A 13 4.27 3.48 7.60
CA MET A 13 4.69 2.10 7.34
C MET A 13 3.50 1.25 6.90
N ILE A 14 3.78 -0.01 6.58
CA ILE A 14 2.74 -0.92 6.13
C ILE A 14 2.67 -2.15 7.03
N HIS A 15 1.60 -2.24 7.82
CA HIS A 15 1.41 -3.37 8.72
C HIS A 15 1.37 -4.68 7.95
N ARG A 16 0.39 -4.81 7.06
CA ARG A 16 0.24 -6.03 6.26
C ARG A 16 -0.87 -5.86 5.23
N ILE A 17 -0.66 -6.43 4.05
CA ILE A 17 -1.64 -6.35 2.97
C ILE A 17 -2.92 -7.08 3.35
N LEU A 18 -3.94 -6.33 3.75
CA LEU A 18 -5.22 -6.91 4.13
C LEU A 18 -5.84 -7.67 2.97
N ASN A 19 -5.89 -7.02 1.81
CA ASN A 19 -6.46 -7.64 0.61
C ASN A 19 -6.08 -6.85 -0.64
N HIS A 20 -6.58 -7.29 -1.79
CA HIS A 20 -6.29 -6.64 -3.05
C HIS A 20 -7.55 -6.53 -3.91
N SER A 21 -7.68 -5.43 -4.64
CA SER A 21 -8.84 -5.20 -5.50
C SER A 21 -8.47 -4.32 -6.68
N VAL A 22 -8.71 -4.83 -7.89
CA VAL A 22 -8.41 -4.09 -9.10
C VAL A 22 -9.67 -3.52 -9.73
N ASP A 23 -9.79 -2.20 -9.72
CA ASP A 23 -10.95 -1.53 -10.30
C ASP A 23 -11.14 -1.90 -11.77
N LYS A 24 -12.34 -1.70 -12.27
CA LYS A 24 -12.65 -2.01 -13.66
C LYS A 24 -11.54 -1.52 -14.59
N LYS A 25 -11.08 -0.30 -14.35
CA LYS A 25 -10.03 0.30 -15.16
C LYS A 25 -8.88 -0.68 -15.36
N GLY A 26 -8.51 -1.39 -14.29
CA GLY A 26 -7.43 -2.34 -14.37
C GLY A 26 -6.33 -2.08 -13.36
N HIS A 27 -6.40 -0.92 -12.71
CA HIS A 27 -5.41 -0.54 -11.71
C HIS A 27 -5.59 -1.36 -10.43
N VAL A 28 -4.66 -2.28 -10.20
CA VAL A 28 -4.72 -3.14 -9.02
C VAL A 28 -4.43 -2.33 -7.75
N HIS A 29 -5.33 -2.46 -6.77
CA HIS A 29 -5.17 -1.75 -5.51
C HIS A 29 -4.93 -2.72 -4.36
N TYR A 30 -4.16 -2.29 -3.36
CA TYR A 30 -3.84 -3.12 -2.21
C TYR A 30 -4.27 -2.43 -0.92
N LEU A 31 -5.14 -3.10 -0.16
CA LEU A 31 -5.62 -2.56 1.11
C LEU A 31 -4.49 -2.48 2.13
N ILE A 32 -3.82 -1.33 2.17
CA ILE A 32 -2.72 -1.12 3.11
C ILE A 32 -3.24 -0.69 4.48
N LYS A 33 -2.86 -1.43 5.51
CA LYS A 33 -3.28 -1.11 6.88
C LYS A 33 -2.20 -0.33 7.61
N TRP A 34 -2.30 1.00 7.56
CA TRP A 34 -1.34 1.87 8.22
C TRP A 34 -1.05 1.38 9.64
N ARG A 35 0.13 0.80 9.82
CA ARG A 35 0.53 0.29 11.14
C ARG A 35 -0.02 1.19 12.25
N ASP A 36 0.38 2.46 12.23
CA ASP A 36 -0.06 3.41 13.24
C ASP A 36 -1.56 3.30 13.47
N LEU A 37 -2.33 3.33 12.39
CA LEU A 37 -3.78 3.24 12.48
C LEU A 37 -4.22 1.77 12.60
N PRO A 38 -5.39 1.56 13.22
CA PRO A 38 -5.95 0.21 13.40
C PRO A 38 -6.42 -0.40 12.09
N TYR A 39 -7.23 -1.45 12.20
CA TYR A 39 -7.74 -2.14 11.02
C TYR A 39 -8.95 -1.40 10.44
N ASP A 40 -9.83 -0.95 11.32
CA ASP A 40 -11.02 -0.22 10.90
C ASP A 40 -10.66 1.13 10.30
N GLN A 41 -9.38 1.49 10.39
CA GLN A 41 -8.90 2.76 9.86
C GLN A 41 -8.03 2.53 8.63
N ALA A 42 -8.05 1.32 8.10
CA ALA A 42 -7.26 0.97 6.93
C ALA A 42 -7.75 1.73 5.70
N SER A 43 -6.82 2.09 4.82
CA SER A 43 -7.16 2.83 3.60
C SER A 43 -6.70 2.07 2.36
N TRP A 44 -7.44 2.22 1.27
CA TRP A 44 -7.12 1.55 0.02
C TRP A 44 -6.09 2.35 -0.78
N GLU A 45 -4.99 1.71 -1.13
CA GLU A 45 -3.93 2.36 -1.90
C GLU A 45 -3.62 1.58 -3.18
N SER A 46 -3.56 2.30 -4.29
CA SER A 46 -3.27 1.67 -5.58
C SER A 46 -1.94 0.92 -5.54
N GLU A 47 -1.59 0.27 -6.65
CA GLU A 47 -0.35 -0.49 -6.73
C GLU A 47 0.79 0.40 -7.21
N ASP A 48 0.49 1.68 -7.41
CA ASP A 48 1.50 2.64 -7.86
C ASP A 48 2.08 3.41 -6.68
N VAL A 49 1.26 3.64 -5.67
CA VAL A 49 1.69 4.37 -4.48
C VAL A 49 3.07 3.92 -4.03
N GLU A 50 3.94 4.89 -3.74
CA GLU A 50 5.29 4.59 -3.31
C GLU A 50 5.39 4.58 -1.78
N ILE A 51 5.56 3.40 -1.20
CA ILE A 51 5.67 3.27 0.24
C ILE A 51 6.87 2.40 0.63
N GLN A 52 7.39 2.64 1.83
CA GLN A 52 8.54 1.88 2.32
C GLN A 52 8.30 0.38 2.18
N ASP A 53 9.22 -0.30 1.49
CA ASP A 53 9.11 -1.73 1.29
C ASP A 53 7.73 -2.11 0.77
N TYR A 54 7.20 -1.29 -0.13
CA TYR A 54 5.87 -1.53 -0.70
C TYR A 54 5.90 -2.71 -1.66
N ASP A 55 6.96 -2.77 -2.46
CA ASP A 55 7.11 -3.85 -3.44
C ASP A 55 7.35 -5.19 -2.74
N LEU A 56 8.01 -5.13 -1.58
CA LEU A 56 8.30 -6.34 -0.82
C LEU A 56 7.01 -7.01 -0.33
N PHE A 57 6.18 -6.24 0.36
CA PHE A 57 4.92 -6.75 0.88
C PHE A 57 4.08 -7.36 -0.24
N LYS A 58 3.83 -6.56 -1.27
CA LYS A 58 3.03 -7.01 -2.41
C LYS A 58 3.58 -8.32 -2.97
N GLN A 59 4.90 -8.42 -3.02
CA GLN A 59 5.55 -9.62 -3.54
C GLN A 59 5.30 -10.81 -2.62
N SER A 60 5.21 -10.55 -1.32
CA SER A 60 4.99 -11.59 -0.34
C SER A 60 3.54 -12.07 -0.38
N TYR A 61 2.62 -11.18 -0.03
CA TYR A 61 1.19 -11.50 -0.02
C TYR A 61 0.84 -12.41 -1.20
N TRP A 62 1.30 -12.02 -2.39
CA TRP A 62 1.04 -12.80 -3.60
C TRP A 62 1.57 -14.22 -3.46
N ASN A 63 2.85 -14.35 -3.15
CA ASN A 63 3.48 -15.65 -3.00
C ASN A 63 2.58 -16.59 -2.21
N HIS A 64 2.29 -16.24 -0.96
CA HIS A 64 1.44 -17.06 -0.10
C HIS A 64 -0.01 -16.58 -0.17
N GLY A 1 21.20 14.21 2.88
CA GLY A 1 20.75 15.04 1.79
C GLY A 1 19.24 15.19 1.75
N SER A 2 18.59 14.44 0.87
CA SER A 2 17.14 14.50 0.74
C SER A 2 16.47 13.59 1.76
N SER A 3 15.42 14.10 2.41
CA SER A 3 14.69 13.33 3.41
C SER A 3 13.19 13.42 3.18
N GLY A 4 12.71 14.65 2.93
CA GLY A 4 11.29 14.85 2.70
C GLY A 4 11.03 15.81 1.56
N SER A 5 10.72 15.27 0.38
CA SER A 5 10.45 16.09 -0.79
C SER A 5 9.08 15.76 -1.38
N SER A 6 8.07 16.49 -0.96
CA SER A 6 6.70 16.28 -1.44
C SER A 6 6.45 14.80 -1.69
N GLY A 7 6.88 13.96 -0.75
CA GLY A 7 6.69 12.52 -0.89
C GLY A 7 6.05 11.91 0.34
N LYS A 8 5.54 10.70 0.19
CA LYS A 8 4.90 9.99 1.30
C LYS A 8 5.76 10.06 2.56
N PRO A 9 5.11 10.04 3.72
CA PRO A 9 5.79 10.09 5.01
C PRO A 9 6.56 8.81 5.31
N GLU A 10 7.66 8.94 6.07
CA GLU A 10 8.48 7.79 6.42
C GLU A 10 7.90 7.06 7.62
N TRP A 11 7.49 7.81 8.64
CA TRP A 11 6.93 7.24 9.85
C TRP A 11 5.83 6.23 9.50
N MET A 12 5.18 6.44 8.36
CA MET A 12 4.11 5.55 7.91
C MET A 12 4.66 4.18 7.55
N MET A 13 4.04 3.14 8.08
CA MET A 13 4.47 1.77 7.81
C MET A 13 3.31 0.93 7.28
N ILE A 14 3.62 -0.27 6.80
CA ILE A 14 2.61 -1.16 6.26
C ILE A 14 2.54 -2.46 7.06
N HIS A 15 1.56 -2.53 7.97
CA HIS A 15 1.38 -3.72 8.79
C HIS A 15 1.36 -4.98 7.94
N ARG A 16 0.39 -5.06 7.04
CA ARG A 16 0.26 -6.22 6.16
C ARG A 16 -0.86 -6.01 5.14
N ILE A 17 -0.64 -6.49 3.93
CA ILE A 17 -1.62 -6.36 2.86
C ILE A 17 -2.92 -7.06 3.23
N LEU A 18 -3.89 -6.29 3.69
CA LEU A 18 -5.19 -6.83 4.07
C LEU A 18 -5.82 -7.61 2.93
N ASN A 19 -5.83 -7.00 1.74
CA ASN A 19 -6.39 -7.63 0.55
C ASN A 19 -6.08 -6.82 -0.70
N HIS A 20 -6.55 -7.30 -1.84
CA HIS A 20 -6.32 -6.62 -3.11
C HIS A 20 -7.62 -6.50 -3.90
N SER A 21 -7.66 -5.56 -4.84
CA SER A 21 -8.84 -5.33 -5.66
C SER A 21 -8.49 -4.54 -6.91
N VAL A 22 -9.27 -4.75 -7.97
CA VAL A 22 -9.03 -4.06 -9.23
C VAL A 22 -10.30 -3.38 -9.72
N ASP A 23 -10.29 -2.04 -9.72
CA ASP A 23 -11.44 -1.27 -10.15
C ASP A 23 -11.49 -1.18 -11.68
N LYS A 24 -12.47 -0.45 -12.20
CA LYS A 24 -12.62 -0.28 -13.64
C LYS A 24 -11.34 0.22 -14.27
N LYS A 25 -10.75 1.26 -13.66
CA LYS A 25 -9.51 1.84 -14.16
C LYS A 25 -8.54 0.74 -14.59
N GLY A 26 -8.62 -0.41 -13.94
CA GLY A 26 -7.74 -1.52 -14.28
C GLY A 26 -6.45 -1.51 -13.47
N HIS A 27 -6.34 -0.54 -12.56
CA HIS A 27 -5.15 -0.42 -11.72
C HIS A 27 -5.33 -1.22 -10.43
N VAL A 28 -4.50 -2.24 -10.26
CA VAL A 28 -4.54 -3.09 -9.07
C VAL A 28 -4.32 -2.27 -7.81
N HIS A 29 -5.13 -2.53 -6.79
CA HIS A 29 -5.01 -1.82 -5.53
C HIS A 29 -4.77 -2.79 -4.38
N TYR A 30 -4.03 -2.34 -3.36
CA TYR A 30 -3.73 -3.18 -2.21
C TYR A 30 -4.16 -2.49 -0.92
N LEU A 31 -5.09 -3.13 -0.22
CA LEU A 31 -5.60 -2.58 1.05
C LEU A 31 -4.49 -2.50 2.10
N ILE A 32 -3.74 -1.40 2.07
CA ILE A 32 -2.65 -1.21 3.02
C ILE A 32 -3.19 -0.84 4.40
N LYS A 33 -2.74 -1.56 5.41
CA LYS A 33 -3.16 -1.32 6.78
C LYS A 33 -2.06 -0.60 7.58
N TRP A 34 -2.18 0.71 7.67
CA TRP A 34 -1.20 1.52 8.39
C TRP A 34 -1.02 0.99 9.82
N ARG A 35 0.11 0.35 10.07
CA ARG A 35 0.40 -0.21 11.39
C ARG A 35 -0.17 0.69 12.48
N ASP A 36 0.25 1.94 12.49
CA ASP A 36 -0.21 2.90 13.49
C ASP A 36 -1.74 2.86 13.61
N LEU A 37 -2.42 3.04 12.48
CA LEU A 37 -3.88 3.03 12.47
C LEU A 37 -4.41 1.60 12.57
N PRO A 38 -5.62 1.46 13.12
CA PRO A 38 -6.26 0.15 13.29
C PRO A 38 -6.70 -0.46 11.96
N TYR A 39 -7.57 -1.45 12.03
CA TYR A 39 -8.06 -2.12 10.83
C TYR A 39 -9.25 -1.38 10.23
N ASP A 40 -10.09 -0.83 11.11
CA ASP A 40 -11.27 -0.09 10.68
C ASP A 40 -10.88 1.27 10.11
N GLN A 41 -9.61 1.62 10.26
CA GLN A 41 -9.11 2.90 9.75
C GLN A 41 -8.28 2.70 8.49
N ALA A 42 -7.99 1.44 8.16
CA ALA A 42 -7.21 1.12 6.98
C ALA A 42 -7.71 1.90 5.76
N SER A 43 -6.81 2.09 4.79
CA SER A 43 -7.17 2.82 3.58
C SER A 43 -6.66 2.09 2.34
N TRP A 44 -7.47 2.11 1.29
CA TRP A 44 -7.11 1.44 0.03
C TRP A 44 -6.07 2.26 -0.73
N GLU A 45 -4.90 1.66 -0.96
CA GLU A 45 -3.83 2.33 -1.68
C GLU A 45 -3.49 1.60 -2.97
N SER A 46 -3.66 2.28 -4.10
CA SER A 46 -3.38 1.68 -5.40
C SER A 46 -1.99 1.05 -5.42
N GLU A 47 -1.66 0.41 -6.54
CA GLU A 47 -0.36 -0.22 -6.69
C GLU A 47 0.66 0.74 -7.28
N ASP A 48 0.38 2.03 -7.18
CA ASP A 48 1.27 3.06 -7.71
C ASP A 48 1.92 3.85 -6.57
N VAL A 49 1.28 3.82 -5.40
CA VAL A 49 1.80 4.54 -4.25
C VAL A 49 3.18 4.04 -3.85
N GLU A 50 4.01 4.95 -3.34
CA GLU A 50 5.36 4.59 -2.93
C GLU A 50 5.47 4.54 -1.40
N ILE A 51 5.83 3.37 -0.89
CA ILE A 51 5.97 3.18 0.55
C ILE A 51 7.17 2.29 0.88
N GLN A 52 7.73 2.49 2.06
CA GLN A 52 8.88 1.69 2.50
C GLN A 52 8.63 0.21 2.28
N ASP A 53 9.52 -0.43 1.52
CA ASP A 53 9.40 -1.86 1.24
C ASP A 53 7.99 -2.20 0.76
N TYR A 54 7.42 -1.31 -0.04
CA TYR A 54 6.08 -1.52 -0.57
C TYR A 54 6.04 -2.69 -1.54
N ASP A 55 7.07 -2.78 -2.38
CA ASP A 55 7.15 -3.87 -3.36
C ASP A 55 7.29 -5.22 -2.66
N LEU A 56 8.05 -5.25 -1.57
CA LEU A 56 8.26 -6.47 -0.82
C LEU A 56 6.93 -7.06 -0.35
N PHE A 57 6.13 -6.24 0.31
CA PHE A 57 4.83 -6.67 0.81
C PHE A 57 4.00 -7.30 -0.30
N LYS A 58 3.72 -6.50 -1.33
CA LYS A 58 2.94 -6.97 -2.47
C LYS A 58 3.47 -8.30 -3.00
N GLN A 59 4.79 -8.38 -3.14
CA GLN A 59 5.44 -9.59 -3.64
C GLN A 59 5.23 -10.75 -2.67
N SER A 60 5.21 -10.43 -1.38
CA SER A 60 5.03 -11.45 -0.35
C SER A 60 3.59 -11.94 -0.32
N TYR A 61 2.66 -11.04 -0.01
CA TYR A 61 1.25 -11.37 0.05
C TYR A 61 0.87 -12.34 -1.06
N TRP A 62 1.27 -12.00 -2.29
CA TRP A 62 0.96 -12.83 -3.44
C TRP A 62 1.50 -14.24 -3.25
N ASN A 63 2.82 -14.36 -3.11
CA ASN A 63 3.46 -15.66 -2.92
C ASN A 63 2.73 -16.47 -1.85
N HIS A 64 2.48 -15.85 -0.71
CA HIS A 64 1.79 -16.51 0.39
C HIS A 64 0.29 -16.26 0.32
N GLY A 1 5.17 22.53 -6.34
CA GLY A 1 5.31 23.94 -5.99
C GLY A 1 4.52 24.32 -4.75
N SER A 2 3.20 24.24 -4.85
CA SER A 2 2.33 24.58 -3.72
C SER A 2 1.55 23.35 -3.25
N SER A 3 0.79 22.76 -4.16
CA SER A 3 -0.01 21.59 -3.83
C SER A 3 0.75 20.65 -2.90
N GLY A 4 2.02 20.40 -3.22
CA GLY A 4 2.84 19.53 -2.41
C GLY A 4 3.51 18.44 -3.21
N SER A 5 2.84 17.30 -3.33
CA SER A 5 3.38 16.16 -4.08
C SER A 5 4.88 16.02 -3.83
N SER A 6 5.29 16.22 -2.59
CA SER A 6 6.69 16.12 -2.22
C SER A 6 7.05 14.69 -1.81
N GLY A 7 6.45 13.72 -2.49
CA GLY A 7 6.71 12.32 -2.18
C GLY A 7 5.91 11.84 -0.98
N LYS A 8 6.22 10.64 -0.52
CA LYS A 8 5.54 10.06 0.63
C LYS A 8 6.40 10.15 1.89
N PRO A 9 5.75 10.20 3.05
CA PRO A 9 6.42 10.29 4.34
C PRO A 9 7.17 9.00 4.70
N GLU A 10 7.97 9.06 5.76
CA GLU A 10 8.74 7.90 6.20
C GLU A 10 8.06 7.22 7.39
N TRP A 11 7.59 8.03 8.33
CA TRP A 11 6.92 7.51 9.52
C TRP A 11 5.82 6.52 9.14
N MET A 12 5.25 6.71 7.95
CA MET A 12 4.19 5.83 7.47
C MET A 12 4.74 4.44 7.15
N MET A 13 4.13 3.43 7.74
CA MET A 13 4.57 2.05 7.52
C MET A 13 3.41 1.20 7.00
N ILE A 14 3.71 -0.03 6.61
CA ILE A 14 2.70 -0.94 6.10
C ILE A 14 2.63 -2.21 6.94
N HIS A 15 1.65 -2.28 7.83
CA HIS A 15 1.47 -3.44 8.69
C HIS A 15 1.44 -4.73 7.87
N ARG A 16 0.47 -4.84 6.98
CA ARG A 16 0.33 -6.02 6.14
C ARG A 16 -0.80 -5.84 5.13
N ILE A 17 -0.62 -6.40 3.94
CA ILE A 17 -1.63 -6.30 2.88
C ILE A 17 -2.91 -7.03 3.28
N LEU A 18 -3.92 -6.27 3.67
CA LEU A 18 -5.20 -6.86 4.07
C LEU A 18 -5.83 -7.62 2.91
N ASN A 19 -5.84 -7.00 1.73
CA ASN A 19 -6.43 -7.61 0.55
C ASN A 19 -6.08 -6.81 -0.70
N HIS A 20 -6.61 -7.25 -1.84
CA HIS A 20 -6.36 -6.58 -3.11
C HIS A 20 -7.64 -6.49 -3.94
N SER A 21 -7.76 -5.42 -4.71
CA SER A 21 -8.94 -5.21 -5.55
C SER A 21 -8.57 -4.46 -6.83
N VAL A 22 -9.20 -4.85 -7.94
CA VAL A 22 -8.94 -4.22 -9.23
C VAL A 22 -10.15 -3.41 -9.70
N ASP A 23 -10.04 -2.09 -9.61
CA ASP A 23 -11.12 -1.21 -10.03
C ASP A 23 -11.64 -1.60 -11.41
N LYS A 24 -12.65 -0.89 -11.88
CA LYS A 24 -13.24 -1.15 -13.19
C LYS A 24 -12.26 -0.79 -14.31
N LYS A 25 -11.43 0.20 -14.05
CA LYS A 25 -10.44 0.65 -15.03
C LYS A 25 -9.45 -0.46 -15.36
N GLY A 26 -9.01 -1.17 -14.32
CA GLY A 26 -8.07 -2.26 -14.51
C GLY A 26 -6.85 -2.13 -13.62
N HIS A 27 -6.81 -1.07 -12.82
CA HIS A 27 -5.69 -0.83 -11.92
C HIS A 27 -5.78 -1.72 -10.68
N VAL A 28 -4.64 -2.26 -10.26
CA VAL A 28 -4.60 -3.13 -9.08
C VAL A 28 -4.36 -2.32 -7.81
N HIS A 29 -5.25 -2.48 -6.84
CA HIS A 29 -5.14 -1.76 -5.57
C HIS A 29 -4.90 -2.74 -4.42
N TYR A 30 -4.11 -2.31 -3.44
CA TYR A 30 -3.80 -3.15 -2.29
C TYR A 30 -4.25 -2.47 -1.00
N LEU A 31 -5.13 -3.14 -0.26
CA LEU A 31 -5.65 -2.61 1.00
C LEU A 31 -4.54 -2.55 2.05
N ILE A 32 -3.82 -1.43 2.08
CA ILE A 32 -2.74 -1.24 3.04
C ILE A 32 -3.29 -0.84 4.41
N LYS A 33 -2.79 -1.50 5.45
CA LYS A 33 -3.23 -1.21 6.81
C LYS A 33 -2.13 -0.46 7.58
N TRP A 34 -2.25 0.86 7.62
CA TRP A 34 -1.28 1.69 8.32
C TRP A 34 -1.05 1.19 9.74
N ARG A 35 0.12 0.59 9.98
CA ARG A 35 0.45 0.07 11.30
C ARG A 35 -0.15 0.94 12.40
N ASP A 36 0.35 2.16 12.52
CA ASP A 36 -0.15 3.08 13.53
C ASP A 36 -1.66 3.00 13.67
N LEU A 37 -2.36 3.19 12.55
CA LEU A 37 -3.82 3.12 12.54
C LEU A 37 -4.30 1.69 12.69
N PRO A 38 -5.50 1.52 13.27
CA PRO A 38 -6.10 0.20 13.48
C PRO A 38 -6.54 -0.45 12.17
N TYR A 39 -7.31 -1.53 12.28
CA TYR A 39 -7.79 -2.25 11.10
C TYR A 39 -9.04 -1.57 10.52
N ASP A 40 -9.84 -0.98 11.39
CA ASP A 40 -11.06 -0.30 10.97
C ASP A 40 -10.74 1.06 10.37
N GLN A 41 -9.46 1.43 10.40
CA GLN A 41 -9.01 2.71 9.86
C GLN A 41 -8.19 2.51 8.60
N ALA A 42 -7.96 1.25 8.23
CA ALA A 42 -7.19 0.93 7.04
C ALA A 42 -7.68 1.71 5.83
N SER A 43 -6.79 1.95 4.88
CA SER A 43 -7.13 2.70 3.67
C SER A 43 -6.58 2.00 2.43
N TRP A 44 -7.37 1.99 1.37
CA TRP A 44 -6.97 1.35 0.12
C TRP A 44 -5.89 2.18 -0.58
N GLU A 45 -4.86 1.50 -1.07
CA GLU A 45 -3.77 2.17 -1.76
C GLU A 45 -3.42 1.45 -3.07
N SER A 46 -3.52 2.17 -4.18
CA SER A 46 -3.22 1.60 -5.49
C SER A 46 -1.88 0.87 -5.47
N GLU A 47 -1.52 0.30 -6.61
CA GLU A 47 -0.25 -0.43 -6.73
C GLU A 47 0.84 0.46 -7.32
N ASP A 48 0.51 1.74 -7.50
CA ASP A 48 1.47 2.70 -8.06
C ASP A 48 2.07 3.56 -6.95
N VAL A 49 1.45 3.55 -5.78
CA VAL A 49 1.93 4.32 -4.64
C VAL A 49 3.27 3.81 -4.16
N GLU A 50 4.14 4.72 -3.73
CA GLU A 50 5.46 4.37 -3.24
C GLU A 50 5.50 4.42 -1.72
N ILE A 51 5.78 3.26 -1.10
CA ILE A 51 5.86 3.19 0.35
C ILE A 51 7.00 2.29 0.80
N GLN A 52 7.43 2.45 2.04
CA GLN A 52 8.53 1.66 2.58
C GLN A 52 8.35 0.18 2.24
N ASP A 53 9.39 -0.42 1.67
CA ASP A 53 9.35 -1.83 1.30
C ASP A 53 7.96 -2.21 0.78
N TYR A 54 7.37 -1.33 -0.01
CA TYR A 54 6.04 -1.57 -0.56
C TYR A 54 6.08 -2.72 -1.57
N ASP A 55 7.15 -2.77 -2.37
CA ASP A 55 7.31 -3.82 -3.37
C ASP A 55 7.45 -5.18 -2.70
N LEU A 56 8.09 -5.21 -1.54
CA LEU A 56 8.30 -6.45 -0.81
C LEU A 56 6.98 -7.03 -0.33
N PHE A 57 6.17 -6.21 0.34
CA PHE A 57 4.87 -6.65 0.83
C PHE A 57 4.02 -7.22 -0.30
N LYS A 58 3.85 -6.44 -1.36
CA LYS A 58 3.06 -6.87 -2.51
C LYS A 58 3.54 -8.22 -3.03
N GLN A 59 4.86 -8.38 -3.10
CA GLN A 59 5.45 -9.62 -3.58
C GLN A 59 5.19 -10.76 -2.60
N SER A 60 5.21 -10.46 -1.31
CA SER A 60 4.98 -11.46 -0.28
C SER A 60 3.53 -11.95 -0.33
N TYR A 61 2.60 -11.06 0.00
CA TYR A 61 1.18 -11.41 0.00
C TYR A 61 0.84 -12.32 -1.17
N TRP A 62 1.23 -11.89 -2.37
CA TRP A 62 0.97 -12.67 -3.57
C TRP A 62 1.48 -14.10 -3.42
N ASN A 63 2.73 -14.24 -3.01
CA ASN A 63 3.34 -15.56 -2.83
C ASN A 63 2.65 -16.31 -1.69
N HIS A 64 2.75 -15.77 -0.49
CA HIS A 64 2.13 -16.40 0.68
C HIS A 64 0.97 -15.55 1.21
N GLY A 1 24.75 7.27 0.17
CA GLY A 1 23.32 7.01 0.19
C GLY A 1 22.68 7.14 -1.17
N SER A 2 21.43 6.69 -1.29
CA SER A 2 20.71 6.74 -2.56
C SER A 2 19.29 7.25 -2.35
N SER A 3 19.15 8.26 -1.50
CA SER A 3 17.84 8.84 -1.21
C SER A 3 17.76 10.29 -1.69
N GLY A 4 16.79 10.58 -2.54
CA GLY A 4 16.62 11.93 -3.06
C GLY A 4 15.29 12.12 -3.75
N SER A 5 14.21 12.01 -2.99
CA SER A 5 12.86 12.17 -3.54
C SER A 5 11.90 12.68 -2.47
N SER A 6 11.31 13.84 -2.71
CA SER A 6 10.36 14.43 -1.77
C SER A 6 8.94 13.96 -2.06
N GLY A 7 8.50 12.93 -1.35
CA GLY A 7 7.16 12.41 -1.54
C GLY A 7 6.54 11.89 -0.27
N LYS A 8 6.14 10.62 -0.27
CA LYS A 8 5.54 10.00 0.90
C LYS A 8 6.52 9.98 2.07
N PRO A 9 5.97 10.04 3.30
CA PRO A 9 6.77 10.02 4.52
C PRO A 9 7.43 8.67 4.77
N GLU A 10 8.35 8.62 5.73
CA GLU A 10 9.05 7.39 6.06
C GLU A 10 8.39 6.70 7.25
N TRP A 11 8.05 7.48 8.27
CA TRP A 11 7.41 6.93 9.46
C TRP A 11 6.23 6.05 9.10
N MET A 12 5.61 6.35 7.96
CA MET A 12 4.45 5.59 7.49
C MET A 12 4.87 4.18 7.07
N MET A 13 4.41 3.18 7.81
CA MET A 13 4.73 1.79 7.51
C MET A 13 3.51 1.04 7.00
N ILE A 14 3.70 -0.21 6.63
CA ILE A 14 2.61 -1.04 6.13
C ILE A 14 2.45 -2.31 6.95
N HIS A 15 1.59 -2.27 7.96
CA HIS A 15 1.34 -3.41 8.81
C HIS A 15 1.31 -4.71 8.00
N ARG A 16 0.35 -4.80 7.09
CA ARG A 16 0.20 -5.98 6.25
C ARG A 16 -0.90 -5.77 5.21
N ILE A 17 -0.75 -6.43 4.07
CA ILE A 17 -1.72 -6.32 2.98
C ILE A 17 -3.04 -6.99 3.36
N LEU A 18 -3.98 -6.19 3.85
CA LEU A 18 -5.29 -6.70 4.25
C LEU A 18 -5.93 -7.48 3.12
N ASN A 19 -5.95 -6.89 1.92
CA ASN A 19 -6.54 -7.54 0.76
C ASN A 19 -6.13 -6.82 -0.53
N HIS A 20 -6.64 -7.29 -1.65
CA HIS A 20 -6.33 -6.69 -2.95
C HIS A 20 -7.59 -6.53 -3.78
N SER A 21 -7.59 -5.53 -4.67
CA SER A 21 -8.73 -5.27 -5.53
C SER A 21 -8.32 -4.42 -6.73
N VAL A 22 -8.65 -4.91 -7.93
CA VAL A 22 -8.32 -4.19 -9.15
C VAL A 22 -9.57 -3.61 -9.81
N ASP A 23 -9.63 -2.28 -9.84
CA ASP A 23 -10.78 -1.59 -10.44
C ASP A 23 -10.91 -1.93 -11.91
N LYS A 24 -12.12 -1.76 -12.44
CA LYS A 24 -12.39 -2.06 -13.84
C LYS A 24 -11.27 -1.53 -14.74
N LYS A 25 -10.82 -0.31 -14.44
CA LYS A 25 -9.75 0.31 -15.23
C LYS A 25 -8.60 -0.67 -15.46
N GLY A 26 -8.26 -1.43 -14.41
CA GLY A 26 -7.18 -2.39 -14.53
C GLY A 26 -6.07 -2.14 -13.52
N HIS A 27 -6.13 -1.01 -12.84
CA HIS A 27 -5.13 -0.66 -11.84
C HIS A 27 -5.36 -1.44 -10.55
N VAL A 28 -4.50 -2.43 -10.30
CA VAL A 28 -4.60 -3.24 -9.10
C VAL A 28 -4.33 -2.42 -7.84
N HIS A 29 -5.18 -2.60 -6.83
CA HIS A 29 -5.04 -1.87 -5.58
C HIS A 29 -4.84 -2.83 -4.42
N TYR A 30 -4.16 -2.35 -3.37
CA TYR A 30 -3.89 -3.18 -2.20
C TYR A 30 -4.30 -2.45 -0.92
N LEU A 31 -5.18 -3.07 -0.15
CA LEU A 31 -5.67 -2.49 1.10
C LEU A 31 -4.53 -2.40 2.12
N ILE A 32 -3.78 -1.30 2.07
CA ILE A 32 -2.67 -1.09 2.99
C ILE A 32 -3.18 -0.65 4.35
N LYS A 33 -2.68 -1.30 5.40
CA LYS A 33 -3.07 -0.98 6.77
C LYS A 33 -1.94 -0.27 7.51
N TRP A 34 -2.09 1.04 7.68
CA TRP A 34 -1.08 1.83 8.38
C TRP A 34 -0.87 1.33 9.80
N ARG A 35 0.24 0.63 10.01
CA ARG A 35 0.56 0.09 11.33
C ARG A 35 0.06 1.02 12.43
N ASP A 36 0.53 2.25 12.42
CA ASP A 36 0.13 3.23 13.43
C ASP A 36 -1.39 3.26 13.58
N LEU A 37 -2.09 3.45 12.47
CA LEU A 37 -3.55 3.49 12.48
C LEU A 37 -4.14 2.09 12.67
N PRO A 38 -5.34 2.04 13.27
CA PRO A 38 -6.03 0.78 13.52
C PRO A 38 -6.52 0.11 12.24
N TYR A 39 -7.39 -0.88 12.39
CA TYR A 39 -7.93 -1.60 11.24
C TYR A 39 -9.07 -0.81 10.60
N ASP A 40 -9.87 -0.15 11.43
CA ASP A 40 -10.99 0.64 10.94
C ASP A 40 -10.50 1.91 10.27
N GLN A 41 -9.21 2.19 10.39
CA GLN A 41 -8.63 3.38 9.79
C GLN A 41 -7.93 3.04 8.47
N ALA A 42 -7.65 1.76 8.28
CA ALA A 42 -6.99 1.30 7.06
C ALA A 42 -7.55 2.00 5.83
N SER A 43 -6.71 2.21 4.83
CA SER A 43 -7.12 2.88 3.59
C SER A 43 -6.65 2.11 2.37
N TRP A 44 -7.41 2.20 1.28
CA TRP A 44 -7.06 1.51 0.05
C TRP A 44 -6.03 2.30 -0.74
N GLU A 45 -4.87 1.69 -0.97
CA GLU A 45 -3.80 2.34 -1.72
C GLU A 45 -3.46 1.55 -2.98
N SER A 46 -3.59 2.20 -4.13
CA SER A 46 -3.31 1.56 -5.41
C SER A 46 -1.91 0.96 -5.41
N GLU A 47 -1.59 0.22 -6.47
CA GLU A 47 -0.28 -0.42 -6.59
C GLU A 47 0.73 0.56 -7.19
N ASP A 48 0.40 1.84 -7.14
CA ASP A 48 1.28 2.88 -7.68
C ASP A 48 1.89 3.71 -6.55
N VAL A 49 1.27 3.65 -5.39
CA VAL A 49 1.76 4.40 -4.23
C VAL A 49 3.17 3.98 -3.85
N GLU A 50 3.98 4.95 -3.44
CA GLU A 50 5.36 4.68 -3.06
C GLU A 50 5.49 4.64 -1.54
N ILE A 51 5.68 3.44 -0.99
CA ILE A 51 5.82 3.27 0.44
C ILE A 51 7.02 2.39 0.77
N GLN A 52 7.59 2.58 1.96
CA GLN A 52 8.74 1.80 2.40
C GLN A 52 8.49 0.31 2.21
N ASP A 53 9.43 -0.37 1.55
CA ASP A 53 9.31 -1.80 1.31
C ASP A 53 7.90 -2.16 0.85
N TYR A 54 7.32 -1.31 0.01
CA TYR A 54 5.97 -1.54 -0.51
C TYR A 54 5.95 -2.73 -1.45
N ASP A 55 6.82 -2.72 -2.44
CA ASP A 55 6.91 -3.81 -3.41
C ASP A 55 7.10 -5.15 -2.71
N LEU A 56 7.90 -5.14 -1.64
CA LEU A 56 8.17 -6.36 -0.88
C LEU A 56 6.86 -7.00 -0.40
N PHE A 57 6.06 -6.22 0.32
CA PHE A 57 4.80 -6.70 0.84
C PHE A 57 3.96 -7.34 -0.27
N LYS A 58 3.64 -6.54 -1.29
CA LYS A 58 2.85 -7.01 -2.41
C LYS A 58 3.43 -8.29 -2.99
N GLN A 59 4.75 -8.32 -3.14
CA GLN A 59 5.43 -9.49 -3.69
C GLN A 59 5.28 -10.69 -2.76
N SER A 60 5.16 -10.42 -1.46
CA SER A 60 5.00 -11.48 -0.47
C SER A 60 3.59 -12.05 -0.49
N TYR A 61 2.62 -11.23 -0.09
CA TYR A 61 1.23 -11.65 -0.07
C TYR A 61 0.90 -12.50 -1.29
N TRP A 62 1.39 -12.09 -2.44
CA TRP A 62 1.14 -12.81 -3.69
C TRP A 62 1.63 -14.25 -3.59
N ASN A 63 2.91 -14.41 -3.28
CA ASN A 63 3.51 -15.74 -3.15
C ASN A 63 2.81 -16.55 -2.08
N HIS A 64 2.59 -15.92 -0.92
CA HIS A 64 1.93 -16.58 0.20
C HIS A 64 0.51 -16.06 0.37
N GLY A 1 -8.06 17.12 -4.99
CA GLY A 1 -7.47 15.94 -4.38
C GLY A 1 -6.28 15.43 -5.16
N SER A 2 -6.51 14.99 -6.39
CA SER A 2 -5.45 14.47 -7.24
C SER A 2 -4.87 15.57 -8.11
N SER A 3 -4.42 16.65 -7.48
CA SER A 3 -3.84 17.78 -8.20
C SER A 3 -2.32 17.76 -8.11
N GLY A 4 -1.66 17.64 -9.25
CA GLY A 4 -0.21 17.61 -9.28
C GLY A 4 0.35 16.25 -8.92
N SER A 5 1.59 16.23 -8.43
CA SER A 5 2.25 14.99 -8.04
C SER A 5 2.25 14.81 -6.53
N SER A 6 1.42 13.91 -6.03
CA SER A 6 1.34 13.65 -4.61
C SER A 6 2.07 12.36 -4.24
N GLY A 7 3.10 12.50 -3.40
CA GLY A 7 3.87 11.33 -2.99
C GLY A 7 3.42 10.79 -1.64
N LYS A 8 3.73 9.53 -1.39
CA LYS A 8 3.35 8.88 -0.14
C LYS A 8 4.45 9.02 0.90
N PRO A 9 4.07 9.01 2.19
CA PRO A 9 5.02 9.13 3.30
C PRO A 9 5.89 7.89 3.45
N GLU A 10 7.20 8.09 3.37
CA GLU A 10 8.14 6.98 3.49
C GLU A 10 8.08 6.38 4.90
N TRP A 11 8.21 7.23 5.90
CA TRP A 11 8.17 6.78 7.30
C TRP A 11 7.01 5.82 7.52
N MET A 12 5.82 6.19 7.04
CA MET A 12 4.64 5.36 7.19
C MET A 12 5.00 3.88 7.07
N MET A 13 4.39 3.06 7.91
CA MET A 13 4.66 1.62 7.89
C MET A 13 3.43 0.87 7.36
N ILE A 14 3.70 -0.23 6.65
CA ILE A 14 2.62 -1.05 6.08
C ILE A 14 2.41 -2.31 6.89
N HIS A 15 1.54 -2.22 7.90
CA HIS A 15 1.24 -3.37 8.76
C HIS A 15 1.23 -4.66 7.95
N ARG A 16 0.30 -4.77 7.02
CA ARG A 16 0.19 -5.96 6.17
C ARG A 16 -0.89 -5.77 5.11
N ILE A 17 -0.67 -6.37 3.95
CA ILE A 17 -1.63 -6.27 2.85
C ILE A 17 -2.93 -6.99 3.19
N LEU A 18 -3.89 -6.26 3.74
CA LEU A 18 -5.18 -6.83 4.10
C LEU A 18 -5.78 -7.60 2.93
N ASN A 19 -5.88 -6.93 1.78
CA ASN A 19 -6.45 -7.54 0.58
C ASN A 19 -6.09 -6.73 -0.66
N HIS A 20 -6.63 -7.15 -1.80
CA HIS A 20 -6.35 -6.47 -3.07
C HIS A 20 -7.62 -6.40 -3.92
N SER A 21 -7.77 -5.30 -4.65
CA SER A 21 -8.93 -5.10 -5.51
C SER A 21 -8.57 -4.28 -6.75
N VAL A 22 -8.78 -4.87 -7.92
CA VAL A 22 -8.47 -4.20 -9.18
C VAL A 22 -9.74 -3.72 -9.87
N ASP A 23 -9.88 -2.41 -10.01
CA ASP A 23 -11.06 -1.83 -10.65
C ASP A 23 -11.00 -2.04 -12.16
N LYS A 24 -12.11 -1.73 -12.83
CA LYS A 24 -12.19 -1.88 -14.28
C LYS A 24 -10.97 -1.29 -14.96
N LYS A 25 -10.55 -0.12 -14.50
CA LYS A 25 -9.40 0.57 -15.07
C LYS A 25 -8.24 -0.41 -15.29
N GLY A 26 -8.09 -1.34 -14.34
CA GLY A 26 -7.02 -2.32 -14.45
C GLY A 26 -5.95 -2.12 -13.39
N HIS A 27 -5.94 -0.95 -12.78
CA HIS A 27 -4.96 -0.63 -11.75
C HIS A 27 -5.26 -1.38 -10.46
N VAL A 28 -4.48 -2.43 -10.19
CA VAL A 28 -4.67 -3.24 -9.00
C VAL A 28 -4.42 -2.42 -7.73
N HIS A 29 -5.30 -2.57 -6.76
CA HIS A 29 -5.18 -1.85 -5.50
C HIS A 29 -4.95 -2.81 -4.33
N TYR A 30 -4.22 -2.35 -3.32
CA TYR A 30 -3.93 -3.17 -2.15
C TYR A 30 -4.35 -2.46 -0.87
N LEU A 31 -5.28 -3.07 -0.14
CA LEU A 31 -5.77 -2.51 1.11
C LEU A 31 -4.65 -2.42 2.14
N ILE A 32 -3.93 -1.30 2.13
CA ILE A 32 -2.84 -1.09 3.07
C ILE A 32 -3.36 -0.70 4.45
N LYS A 33 -2.87 -1.39 5.48
CA LYS A 33 -3.29 -1.11 6.84
C LYS A 33 -2.18 -0.41 7.62
N TRP A 34 -2.28 0.90 7.75
CA TRP A 34 -1.29 1.69 8.48
C TRP A 34 -1.10 1.16 9.89
N ARG A 35 0.03 0.50 10.12
CA ARG A 35 0.33 -0.07 11.44
C ARG A 35 -0.22 0.82 12.55
N ASP A 36 0.36 2.01 12.70
CA ASP A 36 -0.08 2.95 13.72
C ASP A 36 -1.59 2.91 13.88
N LEU A 37 -2.31 2.95 12.77
CA LEU A 37 -3.76 2.92 12.78
C LEU A 37 -4.28 1.48 12.86
N PRO A 38 -5.48 1.32 13.42
CA PRO A 38 -6.12 0.00 13.57
C PRO A 38 -6.55 -0.58 12.23
N TYR A 39 -7.32 -1.68 12.29
CA TYR A 39 -7.80 -2.33 11.08
C TYR A 39 -9.04 -1.63 10.54
N ASP A 40 -9.79 -0.99 11.44
CA ASP A 40 -11.01 -0.29 11.05
C ASP A 40 -10.67 1.10 10.49
N GLN A 41 -9.39 1.44 10.50
CA GLN A 41 -8.93 2.73 10.01
C GLN A 41 -8.04 2.56 8.78
N ALA A 42 -8.01 1.35 8.24
CA ALA A 42 -7.20 1.06 7.06
C ALA A 42 -7.68 1.86 5.85
N SER A 43 -6.79 2.05 4.89
CA SER A 43 -7.11 2.80 3.69
C SER A 43 -6.58 2.10 2.44
N TRP A 44 -7.35 2.15 1.37
CA TRP A 44 -6.96 1.52 0.11
C TRP A 44 -5.91 2.35 -0.61
N GLU A 45 -4.89 1.69 -1.14
CA GLU A 45 -3.82 2.37 -1.86
C GLU A 45 -3.44 1.61 -3.12
N SER A 46 -3.71 2.21 -4.28
CA SER A 46 -3.39 1.59 -5.55
C SER A 46 -1.99 0.98 -5.53
N GLU A 47 -1.67 0.21 -6.57
CA GLU A 47 -0.36 -0.43 -6.67
C GLU A 47 0.66 0.52 -7.28
N ASP A 48 0.25 1.77 -7.48
CA ASP A 48 1.13 2.79 -8.04
C ASP A 48 1.79 3.62 -6.94
N VAL A 49 1.14 3.67 -5.78
CA VAL A 49 1.66 4.43 -4.65
C VAL A 49 3.03 3.92 -4.22
N GLU A 50 3.92 4.85 -3.88
CA GLU A 50 5.27 4.49 -3.46
C GLU A 50 5.39 4.53 -1.93
N ILE A 51 5.35 3.36 -1.30
CA ILE A 51 5.46 3.28 0.15
C ILE A 51 6.65 2.43 0.56
N GLN A 52 7.13 2.65 1.78
CA GLN A 52 8.29 1.91 2.29
C GLN A 52 8.08 0.41 2.14
N ASP A 53 9.04 -0.27 1.53
CA ASP A 53 8.96 -1.70 1.31
C ASP A 53 7.59 -2.10 0.77
N TYR A 54 7.03 -1.25 -0.08
CA TYR A 54 5.73 -1.51 -0.67
C TYR A 54 5.79 -2.70 -1.62
N ASP A 55 6.85 -2.77 -2.41
CA ASP A 55 7.02 -3.86 -3.36
C ASP A 55 7.29 -5.17 -2.63
N LEU A 56 8.04 -5.09 -1.54
CA LEU A 56 8.37 -6.27 -0.75
C LEU A 56 7.11 -6.99 -0.28
N PHE A 57 6.23 -6.25 0.38
CA PHE A 57 4.98 -6.81 0.88
C PHE A 57 4.16 -7.42 -0.26
N LYS A 58 3.87 -6.61 -1.28
CA LYS A 58 3.11 -7.07 -2.42
C LYS A 58 3.71 -8.34 -3.01
N GLN A 59 5.04 -8.41 -3.02
CA GLN A 59 5.74 -9.58 -3.56
C GLN A 59 5.49 -10.81 -2.69
N SER A 60 5.31 -10.58 -1.39
CA SER A 60 5.07 -11.67 -0.46
C SER A 60 3.61 -12.12 -0.50
N TYR A 61 2.73 -11.24 -0.04
CA TYR A 61 1.30 -11.54 -0.02
C TYR A 61 0.90 -12.40 -1.22
N TRP A 62 1.37 -12.00 -2.40
CA TRP A 62 1.07 -12.73 -3.62
C TRP A 62 1.45 -14.20 -3.49
N ASN A 63 2.74 -14.45 -3.25
CA ASN A 63 3.24 -15.80 -3.09
C ASN A 63 2.54 -16.52 -1.94
N HIS A 64 2.66 -15.96 -0.75
CA HIS A 64 2.03 -16.55 0.44
C HIS A 64 0.71 -15.86 0.74
N GLY A 1 1.78 6.54 -19.13
CA GLY A 1 0.98 7.76 -19.06
C GLY A 1 0.93 8.35 -17.67
N SER A 2 2.06 8.33 -16.98
CA SER A 2 2.16 8.86 -15.63
C SER A 2 3.04 10.10 -15.59
N SER A 3 3.09 10.74 -14.42
CA SER A 3 3.90 11.94 -14.25
C SER A 3 4.92 11.76 -13.13
N GLY A 4 5.75 12.78 -12.92
CA GLY A 4 6.77 12.71 -11.88
C GLY A 4 6.16 12.46 -10.51
N SER A 5 7.01 12.09 -9.56
CA SER A 5 6.56 11.81 -8.20
C SER A 5 7.02 12.91 -7.24
N SER A 6 6.28 13.08 -6.14
CA SER A 6 6.61 14.10 -5.15
C SER A 6 7.39 13.48 -3.99
N GLY A 7 6.75 12.57 -3.26
CA GLY A 7 7.39 11.92 -2.14
C GLY A 7 6.41 11.50 -1.07
N LYS A 8 6.79 10.49 -0.29
CA LYS A 8 5.92 9.98 0.77
C LYS A 8 6.64 10.03 2.12
N PRO A 9 5.85 10.06 3.21
CA PRO A 9 6.39 10.11 4.57
C PRO A 9 7.07 8.81 4.98
N GLU A 10 8.05 8.91 5.86
CA GLU A 10 8.78 7.74 6.34
C GLU A 10 8.03 7.05 7.47
N TRP A 11 7.52 7.85 8.41
CA TRP A 11 6.79 7.31 9.54
C TRP A 11 5.70 6.35 9.08
N MET A 12 5.18 6.58 7.88
CA MET A 12 4.13 5.73 7.34
C MET A 12 4.68 4.35 6.99
N MET A 13 4.23 3.34 7.74
CA MET A 13 4.67 1.97 7.53
C MET A 13 3.52 1.10 7.02
N ILE A 14 3.83 -0.14 6.68
CA ILE A 14 2.82 -1.08 6.19
C ILE A 14 2.78 -2.33 7.04
N HIS A 15 1.73 -2.44 7.87
CA HIS A 15 1.57 -3.60 8.74
C HIS A 15 1.47 -4.88 7.92
N ARG A 16 0.47 -4.95 7.05
CA ARG A 16 0.27 -6.12 6.22
C ARG A 16 -0.84 -5.87 5.20
N ILE A 17 -0.72 -6.51 4.03
CA ILE A 17 -1.70 -6.36 2.97
C ILE A 17 -3.01 -7.04 3.34
N LEU A 18 -3.97 -6.25 3.82
CA LEU A 18 -5.27 -6.77 4.22
C LEU A 18 -5.91 -7.55 3.07
N ASN A 19 -5.96 -6.92 1.90
CA ASN A 19 -6.55 -7.55 0.72
C ASN A 19 -6.18 -6.79 -0.55
N HIS A 20 -6.69 -7.26 -1.69
CA HIS A 20 -6.41 -6.62 -2.97
C HIS A 20 -7.68 -6.47 -3.78
N SER A 21 -7.71 -5.46 -4.65
CA SER A 21 -8.86 -5.20 -5.49
C SER A 21 -8.46 -4.53 -6.79
N VAL A 22 -9.04 -4.98 -7.90
CA VAL A 22 -8.74 -4.43 -9.22
C VAL A 22 -9.87 -3.51 -9.70
N ASP A 23 -9.58 -2.22 -9.79
CA ASP A 23 -10.56 -1.24 -10.24
C ASP A 23 -11.08 -1.60 -11.63
N LYS A 24 -12.16 -0.95 -12.04
CA LYS A 24 -12.76 -1.20 -13.35
C LYS A 24 -11.74 -1.01 -14.45
N LYS A 25 -10.94 0.05 -14.35
CA LYS A 25 -9.91 0.33 -15.35
C LYS A 25 -8.91 -0.81 -15.43
N GLY A 26 -8.58 -1.40 -14.29
CA GLY A 26 -7.63 -2.50 -14.27
C GLY A 26 -6.54 -2.31 -13.23
N HIS A 27 -6.27 -1.05 -12.90
CA HIS A 27 -5.23 -0.74 -11.92
C HIS A 27 -5.45 -1.53 -10.63
N VAL A 28 -4.52 -2.41 -10.32
CA VAL A 28 -4.61 -3.22 -9.10
C VAL A 28 -4.34 -2.39 -7.86
N HIS A 29 -5.15 -2.59 -6.83
CA HIS A 29 -4.99 -1.86 -5.57
C HIS A 29 -4.76 -2.82 -4.41
N TYR A 30 -4.08 -2.33 -3.38
CA TYR A 30 -3.78 -3.15 -2.20
C TYR A 30 -4.21 -2.43 -0.93
N LEU A 31 -5.11 -3.06 -0.17
CA LEU A 31 -5.60 -2.49 1.08
C LEU A 31 -4.50 -2.44 2.13
N ILE A 32 -3.77 -1.33 2.15
CA ILE A 32 -2.69 -1.15 3.11
C ILE A 32 -3.22 -0.77 4.49
N LYS A 33 -2.72 -1.45 5.52
CA LYS A 33 -3.15 -1.18 6.88
C LYS A 33 -2.07 -0.44 7.67
N TRP A 34 -2.12 0.89 7.62
CA TRP A 34 -1.15 1.71 8.33
C TRP A 34 -0.93 1.22 9.75
N ARG A 35 0.21 0.57 9.98
CA ARG A 35 0.53 0.04 11.30
C ARG A 35 0.00 0.95 12.40
N ASP A 36 0.35 2.24 12.32
CA ASP A 36 -0.08 3.22 13.31
C ASP A 36 -1.61 3.19 13.46
N LEU A 37 -2.30 3.33 12.34
CA LEU A 37 -3.76 3.32 12.34
C LEU A 37 -4.30 1.91 12.48
N PRO A 38 -5.51 1.78 13.06
CA PRO A 38 -6.16 0.48 13.26
C PRO A 38 -6.61 -0.14 11.94
N TYR A 39 -7.48 -1.15 12.05
CA TYR A 39 -7.99 -1.84 10.86
C TYR A 39 -9.17 -1.07 10.26
N ASP A 40 -10.02 -0.55 11.11
CA ASP A 40 -11.19 0.20 10.66
C ASP A 40 -10.77 1.49 9.96
N GLN A 41 -9.58 1.98 10.29
CA GLN A 41 -9.06 3.20 9.68
C GLN A 41 -8.33 2.89 8.39
N ALA A 42 -7.82 1.67 8.28
CA ALA A 42 -7.10 1.25 7.09
C ALA A 42 -7.67 1.89 5.83
N SER A 43 -6.82 2.14 4.84
CA SER A 43 -7.24 2.75 3.59
C SER A 43 -6.67 2.01 2.40
N TRP A 44 -7.35 2.09 1.26
CA TRP A 44 -6.91 1.44 0.04
C TRP A 44 -5.86 2.27 -0.68
N GLU A 45 -4.80 1.61 -1.15
CA GLU A 45 -3.73 2.30 -1.86
C GLU A 45 -3.37 1.56 -3.15
N SER A 46 -3.67 2.20 -4.29
CA SER A 46 -3.38 1.60 -5.59
C SER A 46 -1.99 0.97 -5.60
N GLU A 47 -1.71 0.21 -6.65
CA GLU A 47 -0.42 -0.46 -6.79
C GLU A 47 0.61 0.49 -7.40
N ASP A 48 0.31 1.78 -7.39
CA ASP A 48 1.21 2.79 -7.93
C ASP A 48 1.75 3.70 -6.84
N VAL A 49 1.39 3.37 -5.59
CA VAL A 49 1.84 4.17 -4.45
C VAL A 49 3.23 3.73 -3.98
N GLU A 50 4.08 4.69 -3.68
CA GLU A 50 5.44 4.40 -3.23
C GLU A 50 5.52 4.44 -1.70
N ILE A 51 5.81 3.29 -1.10
CA ILE A 51 5.92 3.19 0.35
C ILE A 51 7.11 2.33 0.76
N GLN A 52 7.65 2.59 1.94
CA GLN A 52 8.79 1.85 2.45
C GLN A 52 8.59 0.35 2.24
N ASP A 53 9.52 -0.28 1.52
CA ASP A 53 9.45 -1.71 1.26
C ASP A 53 8.05 -2.11 0.80
N TYR A 54 7.44 -1.28 -0.04
CA TYR A 54 6.09 -1.53 -0.54
C TYR A 54 6.09 -2.76 -1.44
N ASP A 55 6.99 -2.78 -2.42
CA ASP A 55 7.09 -3.90 -3.35
C ASP A 55 7.23 -5.23 -2.60
N LEU A 56 8.00 -5.21 -1.52
CA LEU A 56 8.22 -6.41 -0.71
C LEU A 56 6.89 -7.01 -0.26
N PHE A 57 6.09 -6.21 0.44
CA PHE A 57 4.79 -6.66 0.92
C PHE A 57 3.97 -7.26 -0.21
N LYS A 58 3.73 -6.46 -1.24
CA LYS A 58 2.95 -6.91 -2.38
C LYS A 58 3.51 -8.21 -2.95
N GLN A 59 4.83 -8.27 -3.09
CA GLN A 59 5.49 -9.46 -3.62
C GLN A 59 5.24 -10.67 -2.72
N SER A 60 5.24 -10.44 -1.41
CA SER A 60 5.01 -11.51 -0.44
C SER A 60 3.57 -11.99 -0.51
N TYR A 61 2.63 -11.14 -0.10
CA TYR A 61 1.22 -11.48 -0.11
C TYR A 61 0.88 -12.34 -1.32
N TRP A 62 1.37 -11.95 -2.48
CA TRP A 62 1.11 -12.69 -3.71
C TRP A 62 1.57 -14.15 -3.58
N ASN A 63 2.85 -14.32 -3.29
CA ASN A 63 3.42 -15.66 -3.14
C ASN A 63 2.57 -16.50 -2.20
N HIS A 64 2.43 -16.04 -0.96
CA HIS A 64 1.64 -16.75 0.05
C HIS A 64 0.15 -16.62 -0.25
N GLY A 1 4.43 11.79 -13.71
CA GLY A 1 4.76 10.51 -13.11
C GLY A 1 4.07 10.30 -11.78
N SER A 2 4.67 10.80 -10.70
CA SER A 2 4.10 10.65 -9.37
C SER A 2 4.01 12.01 -8.67
N SER A 3 2.92 12.73 -8.93
CA SER A 3 2.71 14.04 -8.33
C SER A 3 1.52 14.02 -7.38
N GLY A 4 1.78 14.27 -6.11
CA GLY A 4 0.71 14.27 -5.11
C GLY A 4 1.23 14.47 -3.71
N SER A 5 0.89 15.60 -3.09
CA SER A 5 1.33 15.90 -1.74
C SER A 5 2.80 15.57 -1.56
N SER A 6 3.62 15.91 -2.55
CA SER A 6 5.05 15.64 -2.51
C SER A 6 5.32 14.15 -2.33
N GLY A 7 4.59 13.33 -3.10
CA GLY A 7 4.77 11.90 -3.01
C GLY A 7 4.17 11.32 -1.75
N LYS A 8 4.45 10.04 -1.49
CA LYS A 8 3.94 9.37 -0.30
C LYS A 8 4.94 9.45 0.84
N PRO A 9 4.42 9.40 2.08
CA PRO A 9 5.26 9.46 3.28
C PRO A 9 6.10 8.20 3.48
N GLU A 10 7.41 8.37 3.51
CA GLU A 10 8.33 7.25 3.69
C GLU A 10 8.14 6.62 5.07
N TRP A 11 8.21 7.44 6.11
CA TRP A 11 8.05 6.95 7.47
C TRP A 11 6.88 5.99 7.57
N MET A 12 5.74 6.38 7.02
CA MET A 12 4.55 5.55 7.05
C MET A 12 4.91 4.06 6.94
N MET A 13 4.32 3.26 7.82
CA MET A 13 4.59 1.82 7.84
C MET A 13 3.38 1.04 7.32
N ILE A 14 3.63 -0.07 6.65
CA ILE A 14 2.57 -0.90 6.12
C ILE A 14 2.40 -2.18 6.95
N HIS A 15 1.54 -2.11 7.95
CA HIS A 15 1.29 -3.25 8.82
C HIS A 15 1.29 -4.56 8.02
N ARG A 16 0.35 -4.68 7.10
CA ARG A 16 0.25 -5.87 6.26
C ARG A 16 -0.84 -5.70 5.20
N ILE A 17 -0.63 -6.33 4.05
CA ILE A 17 -1.60 -6.26 2.95
C ILE A 17 -2.89 -6.97 3.32
N LEU A 18 -3.86 -6.19 3.80
CA LEU A 18 -5.16 -6.74 4.18
C LEU A 18 -5.78 -7.52 3.04
N ASN A 19 -5.83 -6.90 1.85
CA ASN A 19 -6.40 -7.54 0.68
C ASN A 19 -6.07 -6.74 -0.58
N HIS A 20 -6.58 -7.21 -1.72
CA HIS A 20 -6.33 -6.55 -2.99
C HIS A 20 -7.62 -6.43 -3.80
N SER A 21 -7.71 -5.38 -4.61
CA SER A 21 -8.89 -5.15 -5.43
C SER A 21 -8.56 -4.28 -6.64
N VAL A 22 -8.81 -4.81 -7.83
CA VAL A 22 -8.53 -4.09 -9.07
C VAL A 22 -9.80 -3.45 -9.62
N ASP A 23 -9.79 -2.12 -9.73
CA ASP A 23 -10.95 -1.40 -10.25
C ASP A 23 -11.17 -1.71 -11.72
N LYS A 24 -12.41 -1.61 -12.17
CA LYS A 24 -12.75 -1.86 -13.56
C LYS A 24 -11.69 -1.32 -14.50
N LYS A 25 -11.06 -0.22 -14.10
CA LYS A 25 -10.01 0.40 -14.91
C LYS A 25 -8.92 -0.59 -15.23
N GLY A 26 -8.48 -1.34 -14.22
CA GLY A 26 -7.43 -2.33 -14.42
C GLY A 26 -6.31 -2.20 -13.40
N HIS A 27 -6.16 -1.01 -12.83
CA HIS A 27 -5.12 -0.75 -11.84
C HIS A 27 -5.41 -1.51 -10.55
N VAL A 28 -4.54 -2.47 -10.23
CA VAL A 28 -4.71 -3.28 -9.02
C VAL A 28 -4.42 -2.45 -7.77
N HIS A 29 -5.27 -2.58 -6.77
CA HIS A 29 -5.11 -1.85 -5.52
C HIS A 29 -4.88 -2.81 -4.36
N TYR A 30 -4.10 -2.36 -3.37
CA TYR A 30 -3.81 -3.18 -2.20
C TYR A 30 -4.22 -2.47 -0.92
N LEU A 31 -5.14 -3.07 -0.19
CA LEU A 31 -5.63 -2.50 1.06
C LEU A 31 -4.51 -2.44 2.10
N ILE A 32 -3.82 -1.30 2.14
CA ILE A 32 -2.73 -1.11 3.09
C ILE A 32 -3.27 -0.75 4.48
N LYS A 33 -2.78 -1.46 5.49
CA LYS A 33 -3.20 -1.23 6.86
C LYS A 33 -2.09 -0.53 7.66
N TRP A 34 -2.21 0.78 7.79
CA TRP A 34 -1.23 1.57 8.52
C TRP A 34 -1.10 1.07 9.96
N ARG A 35 0.02 0.43 10.25
CA ARG A 35 0.28 -0.10 11.59
C ARG A 35 -0.33 0.81 12.66
N ASP A 36 0.14 2.05 12.72
CA ASP A 36 -0.36 3.01 13.69
C ASP A 36 -1.88 2.98 13.75
N LEU A 37 -2.53 3.13 12.59
CA LEU A 37 -3.98 3.12 12.52
C LEU A 37 -4.51 1.70 12.60
N PRO A 38 -5.73 1.56 13.15
CA PRO A 38 -6.39 0.26 13.30
C PRO A 38 -6.82 -0.33 11.96
N TYR A 39 -7.67 -1.35 12.01
CA TYR A 39 -8.17 -2.00 10.81
C TYR A 39 -9.34 -1.21 10.21
N ASP A 40 -10.20 -0.70 11.09
CA ASP A 40 -11.36 0.06 10.65
C ASP A 40 -10.93 1.40 10.02
N GLN A 41 -9.68 1.78 10.26
CA GLN A 41 -9.16 3.02 9.72
C GLN A 41 -8.34 2.77 8.45
N ALA A 42 -8.01 1.50 8.22
CA ALA A 42 -7.23 1.12 7.04
C ALA A 42 -7.77 1.80 5.79
N SER A 43 -6.88 2.08 4.84
CA SER A 43 -7.26 2.74 3.60
C SER A 43 -6.73 1.97 2.39
N TRP A 44 -7.38 2.15 1.25
CA TRP A 44 -6.98 1.46 0.03
C TRP A 44 -5.92 2.27 -0.72
N GLU A 45 -4.92 1.57 -1.25
CA GLU A 45 -3.84 2.22 -1.99
C GLU A 45 -3.51 1.44 -3.25
N SER A 46 -3.60 2.10 -4.40
CA SER A 46 -3.30 1.48 -5.68
C SER A 46 -1.97 0.73 -5.62
N GLU A 47 -1.67 0.00 -6.69
CA GLU A 47 -0.42 -0.76 -6.76
C GLU A 47 0.71 0.11 -7.30
N ASP A 48 0.40 1.37 -7.60
CA ASP A 48 1.40 2.30 -8.12
C ASP A 48 2.00 3.14 -6.99
N VAL A 49 1.26 3.27 -5.90
CA VAL A 49 1.71 4.04 -4.75
C VAL A 49 3.11 3.64 -4.33
N GLU A 50 3.95 4.63 -4.04
CA GLU A 50 5.33 4.37 -3.63
C GLU A 50 5.47 4.48 -2.12
N ILE A 51 5.51 3.34 -1.44
CA ILE A 51 5.64 3.31 0.00
C ILE A 51 6.87 2.50 0.43
N GLN A 52 7.42 2.83 1.59
CA GLN A 52 8.59 2.14 2.12
C GLN A 52 8.39 0.63 2.05
N ASP A 53 9.32 -0.06 1.39
CA ASP A 53 9.26 -1.51 1.25
C ASP A 53 7.87 -1.95 0.81
N TYR A 54 7.27 -1.18 -0.09
CA TYR A 54 5.94 -1.50 -0.60
C TYR A 54 5.97 -2.76 -1.45
N ASP A 55 6.83 -2.77 -2.45
CA ASP A 55 6.96 -3.93 -3.34
C ASP A 55 7.19 -5.20 -2.53
N LEU A 56 7.98 -5.10 -1.48
CA LEU A 56 8.29 -6.24 -0.63
C LEU A 56 7.01 -6.94 -0.17
N PHE A 57 6.13 -6.18 0.46
CA PHE A 57 4.86 -6.72 0.96
C PHE A 57 4.06 -7.34 -0.19
N LYS A 58 3.79 -6.54 -1.21
CA LYS A 58 3.03 -7.00 -2.37
C LYS A 58 3.64 -8.28 -2.94
N GLN A 59 4.96 -8.34 -2.96
CA GLN A 59 5.68 -9.50 -3.49
C GLN A 59 5.41 -10.73 -2.62
N SER A 60 5.17 -10.50 -1.33
CA SER A 60 4.92 -11.59 -0.40
C SER A 60 3.47 -12.08 -0.52
N TYR A 61 2.54 -11.23 -0.10
CA TYR A 61 1.12 -11.57 -0.16
C TYR A 61 0.81 -12.42 -1.39
N TRP A 62 1.32 -12.00 -2.54
CA TRP A 62 1.10 -12.73 -3.79
C TRP A 62 1.54 -14.18 -3.65
N ASN A 63 2.83 -14.38 -3.40
CA ASN A 63 3.39 -15.72 -3.26
C ASN A 63 2.54 -16.56 -2.30
N HIS A 64 2.50 -16.15 -1.03
CA HIS A 64 1.72 -16.85 -0.03
C HIS A 64 1.45 -15.95 1.18
#